data_7YC2
#
_entry.id   7YC2
#
_cell.length_a   106.300
_cell.length_b   72.800
_cell.length_c   127.500
_cell.angle_alpha   90.000
_cell.angle_beta   113.400
_cell.angle_gamma   90.000
#
_symmetry.space_group_name_H-M   'C 1 2 1'
#
loop_
_entity.id
_entity.type
_entity.pdbx_description
1 polymer 'Protein zyg-11 homolog B'
2 polymer ORF
#
loop_
_entity_poly.entity_id
_entity_poly.type
_entity_poly.pdbx_seq_one_letter_code
_entity_poly.pdbx_strand_id
1 'polypeptide(L)'
;SELFIVRQLLQIVKQKTNQNSVDTTLKFTLSALWNLTDESPTTCRHFIENQGLELFMRVLESFPTESSIQQKVLGLLNNI
AEVQELHSELMWKDFIDHISSLLHSVEVEVSYFAAGIIAHLISRGEQAWTLSRSQRNSLLDDLHSAILKWPTPECEMVAY
RSFNPFFPLLGCFTTPGVQLWAVWAMQHVCSKNPSRYCSMLIEEGGLQHLYNIKDHEHTDPHVQQIAVAILDSLEKHIVR
;
A,B,C,D
2 'polypeptide(L)' GYINVFA E,F,G,H
#
# COMPACT_ATOMS: atom_id res chain seq x y z
N SER A 1 24.92 7.67 33.81
CA SER A 1 23.63 8.39 33.99
C SER A 1 22.53 7.70 33.18
N GLU A 2 22.86 7.17 32.00
CA GLU A 2 21.87 6.43 31.19
C GLU A 2 21.68 5.05 31.80
N LEU A 3 22.70 4.54 32.50
CA LEU A 3 22.58 3.25 33.21
C LEU A 3 21.72 3.48 34.44
N PHE A 4 21.79 4.68 35.01
CA PHE A 4 20.92 5.02 36.14
C PHE A 4 19.49 4.98 35.62
N ILE A 5 19.29 5.55 34.43
CA ILE A 5 17.94 5.56 33.88
C ILE A 5 17.45 4.13 33.68
N VAL A 6 18.29 3.29 33.07
CA VAL A 6 17.93 1.88 32.87
C VAL A 6 17.59 1.23 34.20
N ARG A 7 18.48 1.38 35.19
CA ARG A 7 18.21 0.85 36.52
C ARG A 7 16.90 1.40 37.08
N GLN A 8 16.67 2.70 36.93
CA GLN A 8 15.45 3.29 37.47
C GLN A 8 14.21 2.78 36.76
N LEU A 9 14.25 2.73 35.42
CA LEU A 9 13.11 2.18 34.69
C LEU A 9 12.92 0.70 35.04
N LEU A 10 14.01 -0.07 35.09
CA LEU A 10 13.94 -1.43 35.63
C LEU A 10 13.29 -1.44 37.01
N GLN A 11 13.62 -0.45 37.85
CA GLN A 11 12.99 -0.37 39.17
C GLN A 11 11.47 -0.18 39.06
N ILE A 12 11.02 0.67 38.13
CA ILE A 12 9.59 0.83 37.88
C ILE A 12 8.96 -0.47 37.42
N VAL A 13 9.67 -1.23 36.58
CA VAL A 13 9.13 -2.51 36.09
C VAL A 13 9.03 -3.49 37.25
N LYS A 14 10.09 -3.60 38.04
CA LYS A 14 10.03 -4.38 39.28
C LYS A 14 8.84 -3.97 40.13
N GLN A 15 8.68 -2.67 40.37
CA GLN A 15 7.56 -2.17 41.17
C GLN A 15 6.22 -2.56 40.54
N LYS A 16 6.00 -2.20 39.29
CA LYS A 16 4.72 -2.52 38.67
C LYS A 16 4.45 -4.03 38.62
N THR A 17 5.50 -4.85 38.44
CA THR A 17 5.29 -6.30 38.36
C THR A 17 5.03 -6.91 39.74
N ASN A 18 5.77 -6.46 40.76
CA ASN A 18 5.48 -6.91 42.12
C ASN A 18 4.01 -6.65 42.46
N GLN A 19 3.52 -5.45 42.18
CA GLN A 19 2.11 -5.12 42.39
C GLN A 19 1.22 -5.56 41.24
N ASN A 20 1.73 -6.41 40.35
CA ASN A 20 0.98 -6.96 39.22
C ASN A 20 0.14 -5.96 38.46
N SER A 21 0.70 -4.76 38.28
CA SER A 21 -0.01 -3.59 37.84
C SER A 21 0.23 -3.24 36.37
N VAL A 22 -0.66 -3.69 35.50
CA VAL A 22 -0.65 -3.27 34.09
C VAL A 22 -1.26 -1.87 34.00
N ASP A 23 -0.47 -0.91 33.52
CA ASP A 23 -0.93 0.46 33.41
C ASP A 23 0.05 1.21 32.51
N THR A 24 -0.33 2.44 32.16
CA THR A 24 0.42 3.22 31.19
C THR A 24 1.85 3.50 31.64
N THR A 25 2.12 3.46 32.95
CA THR A 25 3.49 3.72 33.40
C THR A 25 4.38 2.53 33.12
N LEU A 26 3.88 1.32 33.37
CA LEU A 26 4.66 0.13 33.08
C LEU A 26 4.84 -0.03 31.58
N LYS A 27 3.75 0.10 30.81
CA LYS A 27 3.86 0.01 29.37
C LYS A 27 4.83 1.06 28.81
N PHE A 28 4.87 2.25 29.42
CA PHE A 28 5.81 3.27 28.95
C PHE A 28 7.22 2.96 29.41
N THR A 29 7.35 2.30 30.56
CA THR A 29 8.67 1.98 31.08
C THR A 29 9.34 0.92 30.23
N LEU A 30 8.59 -0.10 29.83
CA LEU A 30 9.13 -1.11 28.92
C LEU A 30 9.57 -0.46 27.61
N SER A 31 8.65 0.26 26.96
CA SER A 31 8.98 1.02 25.74
C SER A 31 10.27 1.81 25.91
N ALA A 32 10.38 2.57 27.01
CA ALA A 32 11.61 3.30 27.27
C ALA A 32 12.80 2.36 27.32
N LEU A 33 12.68 1.27 28.08
CA LEU A 33 13.78 0.31 28.22
C LEU A 33 14.05 -0.40 26.91
N TRP A 34 13.01 -0.57 26.10
CA TRP A 34 13.17 -1.13 24.76
C TRP A 34 13.99 -0.20 23.89
N ASN A 35 13.68 1.10 23.92
CA ASN A 35 14.42 2.07 23.13
C ASN A 35 15.86 2.20 23.59
N LEU A 36 16.08 2.25 24.91
CA LEU A 36 17.42 2.55 25.41
C LEU A 36 18.40 1.45 25.07
N THR A 37 17.92 0.23 24.86
CA THR A 37 18.75 -0.91 24.51
C THR A 37 18.89 -1.09 22.99
N ASP A 38 18.16 -0.31 22.19
CA ASP A 38 18.26 -0.48 20.75
C ASP A 38 19.64 -0.06 20.29
N GLU A 39 20.24 -0.90 19.43
CA GLU A 39 21.57 -0.64 18.87
C GLU A 39 22.55 -0.22 19.98
N SER A 40 22.33 -0.76 21.17
CA SER A 40 23.10 -0.38 22.36
C SER A 40 23.45 -1.65 23.11
N PRO A 41 24.48 -2.37 22.67
CA PRO A 41 24.98 -3.50 23.47
C PRO A 41 25.35 -3.11 24.88
N THR A 42 25.90 -1.91 25.06
CA THR A 42 26.27 -1.45 26.41
C THR A 42 25.05 -1.34 27.31
N THR A 43 23.98 -0.70 26.81
CA THR A 43 22.73 -0.65 27.56
C THR A 43 22.07 -2.01 27.66
N CYS A 44 22.48 -2.98 26.83
CA CYS A 44 21.97 -4.34 26.94
C CYS A 44 22.70 -5.14 28.00
N ARG A 45 24.00 -4.87 28.18
CA ARG A 45 24.73 -5.48 29.29
C ARG A 45 24.14 -5.08 30.62
N HIS A 46 23.79 -3.80 30.77
CA HIS A 46 23.23 -3.32 32.02
C HIS A 46 21.88 -3.93 32.30
N PHE A 47 21.00 -3.94 31.31
CA PHE A 47 19.76 -4.67 31.48
C PHE A 47 20.04 -6.06 32.04
N ILE A 48 21.05 -6.73 31.49
CA ILE A 48 21.36 -8.10 31.89
C ILE A 48 22.04 -8.15 33.25
N GLU A 49 23.10 -7.35 33.42
CA GLU A 49 23.79 -7.30 34.71
C GLU A 49 22.87 -6.85 35.84
N ASN A 50 21.89 -6.00 35.55
CA ASN A 50 20.87 -5.63 36.53
C ASN A 50 19.66 -6.57 36.52
N GLN A 51 19.87 -7.86 36.26
CA GLN A 51 18.83 -8.89 36.38
C GLN A 51 17.60 -8.59 35.53
N GLY A 52 17.75 -7.74 34.51
CA GLY A 52 16.62 -7.46 33.64
C GLY A 52 16.01 -8.72 33.08
N LEU A 53 16.85 -9.63 32.59
CA LEU A 53 16.35 -10.86 31.99
C LEU A 53 15.39 -11.58 32.93
N GLU A 54 15.86 -11.89 34.13
CA GLU A 54 15.02 -12.56 35.11
C GLU A 54 13.83 -11.69 35.49
N LEU A 55 14.02 -10.37 35.50
CA LEU A 55 12.89 -9.48 35.76
C LEU A 55 11.88 -9.56 34.63
N PHE A 56 12.35 -9.64 33.39
CA PHE A 56 11.42 -9.63 32.27
C PHE A 56 10.68 -10.96 32.13
N MET A 57 11.35 -12.07 32.46
CA MET A 57 10.64 -13.32 32.62
C MET A 57 9.49 -13.16 33.60
N ARG A 58 9.77 -12.49 34.73
CA ARG A 58 8.72 -12.21 35.71
C ARG A 58 7.59 -11.40 35.11
N VAL A 59 7.93 -10.40 34.29
CA VAL A 59 6.91 -9.62 33.60
C VAL A 59 6.11 -10.50 32.64
N LEU A 60 6.83 -11.27 31.80
CA LEU A 60 6.15 -12.18 30.87
C LEU A 60 5.20 -13.11 31.62
N GLU A 61 5.67 -13.70 32.73
CA GLU A 61 4.83 -14.58 33.53
C GLU A 61 3.69 -13.83 34.20
N SER A 62 4.01 -12.69 34.84
CA SER A 62 3.00 -11.95 35.58
C SER A 62 1.85 -11.51 34.68
N PHE A 63 2.13 -11.22 33.41
CA PHE A 63 1.13 -10.65 32.50
C PHE A 63 1.02 -11.48 31.23
N PRO A 64 0.65 -12.76 31.37
CA PRO A 64 0.57 -13.63 30.18
C PRO A 64 -0.50 -13.20 29.20
N THR A 65 -1.44 -12.36 29.61
CA THR A 65 -2.56 -11.94 28.78
C THR A 65 -2.39 -10.54 28.21
N GLU A 66 -1.27 -9.88 28.47
CA GLU A 66 -1.13 -8.46 28.19
C GLU A 66 -0.19 -8.30 26.99
N SER A 67 -0.80 -8.23 25.80
CA SER A 67 -0.03 -8.35 24.57
C SER A 67 0.88 -7.15 24.36
N SER A 68 0.43 -5.96 24.75
CA SER A 68 1.32 -4.80 24.70
C SER A 68 2.51 -4.99 25.63
N ILE A 69 2.24 -5.46 26.86
CA ILE A 69 3.30 -5.70 27.82
C ILE A 69 4.26 -6.77 27.28
N GLN A 70 3.71 -7.79 26.64
CA GLN A 70 4.55 -8.85 26.07
C GLN A 70 5.41 -8.30 24.94
N GLN A 71 4.80 -7.54 24.02
CA GLN A 71 5.52 -7.00 22.88
C GLN A 71 6.72 -6.16 23.31
N LYS A 72 6.51 -5.24 24.25
CA LYS A 72 7.59 -4.36 24.66
C LYS A 72 8.69 -5.12 25.38
N VAL A 73 8.31 -6.09 26.22
CA VAL A 73 9.30 -6.95 26.86
C VAL A 73 10.09 -7.68 25.80
N LEU A 74 9.38 -8.41 24.94
CA LEU A 74 10.04 -9.16 23.88
C LEU A 74 10.83 -8.23 22.97
N GLY A 75 10.29 -7.03 22.67
CA GLY A 75 11.06 -6.03 21.97
C GLY A 75 12.45 -5.83 22.55
N LEU A 76 12.52 -5.61 23.87
CA LEU A 76 13.82 -5.51 24.54
C LEU A 76 14.62 -6.79 24.35
N LEU A 77 13.99 -7.94 24.54
CA LEU A 77 14.74 -9.19 24.44
C LEU A 77 15.22 -9.43 23.01
N ASN A 78 14.41 -9.03 22.03
CA ASN A 78 14.88 -8.99 20.65
C ASN A 78 16.16 -8.19 20.54
N ASN A 79 16.28 -7.11 21.34
CA ASN A 79 17.50 -6.29 21.33
C ASN A 79 18.65 -7.00 22.03
N ILE A 80 18.38 -7.70 23.13
CA ILE A 80 19.43 -8.50 23.76
C ILE A 80 19.88 -9.60 22.80
N ALA A 81 18.92 -10.23 22.11
CA ALA A 81 19.24 -11.30 21.18
C ALA A 81 20.13 -10.83 20.04
N GLU A 82 20.17 -9.54 19.74
CA GLU A 82 21.07 -9.02 18.71
C GLU A 82 22.52 -8.96 19.16
N VAL A 83 22.79 -9.15 20.46
CA VAL A 83 24.15 -9.05 20.98
C VAL A 83 24.67 -10.47 21.21
N GLN A 84 25.71 -10.84 20.47
CA GLN A 84 26.32 -12.16 20.62
C GLN A 84 26.85 -12.37 22.02
N GLU A 85 27.59 -11.38 22.54
CA GLU A 85 28.19 -11.46 23.87
C GLU A 85 27.16 -11.73 24.96
N LEU A 86 25.87 -11.55 24.66
CA LEU A 86 24.78 -11.82 25.57
C LEU A 86 23.99 -13.07 25.19
N HIS A 87 24.60 -13.98 24.43
CA HIS A 87 23.87 -15.15 23.95
C HIS A 87 23.61 -16.12 25.10
N SER A 88 24.67 -16.56 25.76
CA SER A 88 24.55 -17.51 26.88
C SER A 88 23.62 -16.99 27.97
N GLU A 89 23.30 -15.69 27.96
CA GLU A 89 22.37 -15.14 28.94
C GLU A 89 20.94 -15.55 28.63
N LEU A 90 20.55 -15.53 27.36
CA LEU A 90 19.21 -15.97 26.99
C LEU A 90 19.12 -17.48 26.85
N MET A 91 20.25 -18.19 26.92
CA MET A 91 20.28 -19.64 26.90
C MET A 91 19.81 -20.18 28.25
N TRP A 92 18.51 -20.04 28.48
CA TRP A 92 17.86 -20.33 29.74
C TRP A 92 16.56 -21.04 29.40
N LYS A 93 16.40 -22.26 29.89
CA LYS A 93 15.28 -23.08 29.48
C LYS A 93 13.94 -22.39 29.72
N ASP A 94 13.63 -22.06 30.98
CA ASP A 94 12.32 -21.48 31.30
C ASP A 94 12.03 -20.25 30.45
N PHE A 95 13.06 -19.55 30.01
CA PHE A 95 12.88 -18.38 29.16
C PHE A 95 12.52 -18.79 27.74
N ILE A 96 13.27 -19.74 27.18
CA ILE A 96 13.10 -20.13 25.79
C ILE A 96 11.78 -20.86 25.60
N ASP A 97 11.45 -21.76 26.53
CA ASP A 97 10.15 -22.44 26.47
C ASP A 97 9.01 -21.43 26.43
N HIS A 98 9.16 -20.33 27.17
CA HIS A 98 8.15 -19.28 27.15
C HIS A 98 8.17 -18.52 25.83
N ILE A 99 9.33 -17.99 25.45
CA ILE A 99 9.48 -17.40 24.12
C ILE A 99 8.91 -18.34 23.07
N SER A 100 9.34 -19.60 23.11
CA SER A 100 8.91 -20.56 22.11
C SER A 100 7.39 -20.64 22.04
N SER A 101 6.72 -20.40 23.16
CA SER A 101 5.26 -20.43 23.17
C SER A 101 4.68 -19.14 22.60
N LEU A 102 5.26 -18.00 22.99
CA LEU A 102 4.86 -16.72 22.42
C LEU A 102 5.19 -16.65 20.93
N LEU A 103 6.06 -17.53 20.44
CA LEU A 103 6.27 -17.64 19.01
C LEU A 103 4.97 -17.99 18.29
N HIS A 104 4.11 -18.79 18.92
CA HIS A 104 2.84 -19.18 18.34
C HIS A 104 1.70 -18.27 18.75
N SER A 105 2.03 -17.15 19.40
CA SER A 105 1.02 -16.16 19.75
C SER A 105 0.32 -15.66 18.49
N VAL A 106 -1.00 -15.51 18.59
CA VAL A 106 -1.75 -14.94 17.48
C VAL A 106 -1.37 -13.48 17.27
N GLU A 107 -1.16 -12.76 18.37
CA GLU A 107 -0.73 -11.37 18.29
C GLU A 107 0.52 -11.51 17.44
N VAL A 108 0.60 -10.71 16.38
CA VAL A 108 1.77 -10.78 15.49
C VAL A 108 2.77 -9.86 16.14
N GLU A 109 2.29 -8.79 16.79
CA GLU A 109 3.18 -7.90 17.54
C GLU A 109 3.94 -8.62 18.63
N VAL A 110 3.43 -9.74 19.13
CA VAL A 110 4.10 -10.45 20.20
C VAL A 110 5.03 -11.48 19.60
N SER A 111 4.47 -12.36 18.76
CA SER A 111 5.26 -13.45 18.19
C SER A 111 6.43 -12.95 17.36
N TYR A 112 6.27 -11.78 16.72
CA TYR A 112 7.34 -11.23 15.90
C TYR A 112 8.64 -11.10 16.70
N PHE A 113 8.56 -10.56 17.91
CA PHE A 113 9.75 -10.46 18.73
C PHE A 113 10.14 -11.82 19.31
N ALA A 114 9.15 -12.62 19.73
CA ALA A 114 9.44 -14.00 20.10
C ALA A 114 10.30 -14.66 19.03
N ALA A 115 9.79 -14.68 17.79
CA ALA A 115 10.52 -15.23 16.66
C ALA A 115 11.90 -14.57 16.50
N GLY A 116 11.95 -13.24 16.55
CA GLY A 116 13.22 -12.55 16.40
C GLY A 116 14.23 -12.92 17.46
N ILE A 117 13.78 -13.13 18.70
CA ILE A 117 14.66 -13.71 19.71
C ILE A 117 15.12 -15.09 19.27
N ILE A 118 14.16 -15.98 19.08
CA ILE A 118 14.45 -17.34 18.61
C ILE A 118 15.42 -17.28 17.44
N ALA A 119 15.08 -16.51 16.41
CA ALA A 119 15.89 -16.45 15.20
C ALA A 119 17.32 -16.10 15.52
N HIS A 120 17.52 -15.06 16.33
CA HIS A 120 18.87 -14.66 16.69
C HIS A 120 19.60 -15.75 17.47
N LEU A 121 18.88 -16.51 18.30
CA LEU A 121 19.57 -17.52 19.09
C LEU A 121 19.90 -18.74 18.25
N ILE A 122 18.97 -19.17 17.40
CA ILE A 122 19.27 -20.21 16.44
C ILE A 122 20.40 -19.77 15.51
N SER A 123 20.39 -18.52 15.10
CA SER A 123 21.38 -18.03 14.14
C SER A 123 22.80 -18.16 14.65
N ARG A 124 22.97 -18.35 15.95
CA ARG A 124 24.30 -18.45 16.54
C ARG A 124 24.92 -19.83 16.37
N GLY A 125 24.16 -20.77 15.82
CA GLY A 125 24.72 -22.09 15.54
C GLY A 125 24.31 -23.18 16.49
N GLU A 126 24.68 -24.40 16.13
CA GLU A 126 24.39 -25.65 16.86
C GLU A 126 25.08 -25.67 18.23
N GLN A 127 26.33 -25.20 18.28
CA GLN A 127 27.18 -25.19 19.49
C GLN A 127 26.64 -24.24 20.55
N ALA A 128 26.23 -23.04 20.15
CA ALA A 128 25.83 -21.98 21.10
C ALA A 128 24.50 -22.31 21.77
N TRP A 129 23.79 -23.32 21.28
CA TRP A 129 22.48 -23.61 21.87
C TRP A 129 22.66 -24.59 23.03
N THR A 130 22.90 -24.04 24.20
CA THR A 130 23.17 -24.88 25.40
C THR A 130 21.88 -25.50 25.93
N LEU A 131 20.74 -25.24 25.30
CA LEU A 131 19.44 -25.83 25.74
C LEU A 131 19.20 -27.17 25.06
N SER A 132 18.00 -27.72 25.18
CA SER A 132 17.72 -29.05 24.58
C SER A 132 17.88 -28.98 23.07
N ARG A 133 18.67 -29.90 22.52
CA ARG A 133 18.93 -29.95 21.05
C ARG A 133 17.61 -30.23 20.33
N SER A 134 16.77 -31.09 20.89
CA SER A 134 15.46 -31.41 20.25
C SER A 134 14.62 -30.14 20.15
N GLN A 135 14.60 -29.32 21.19
CA GLN A 135 13.78 -28.08 21.17
C GLN A 135 14.31 -27.12 20.11
N ARG A 136 15.63 -26.96 20.01
CA ARG A 136 16.20 -26.05 19.01
C ARG A 136 15.75 -26.51 17.63
N ASN A 137 15.68 -27.80 17.41
CA ASN A 137 15.20 -28.24 16.11
C ASN A 137 13.69 -28.08 15.99
N SER A 138 12.96 -28.33 17.08
CA SER A 138 11.54 -28.00 17.09
C SER A 138 11.32 -26.52 16.79
N LEU A 139 12.13 -25.64 17.39
CA LEU A 139 12.01 -24.21 17.11
C LEU A 139 12.32 -23.91 15.65
N LEU A 140 13.32 -24.59 15.11
CA LEU A 140 13.78 -24.33 13.75
C LEU A 140 12.64 -24.38 12.75
N ASP A 141 11.75 -25.36 12.91
CA ASP A 141 10.62 -25.47 12.02
C ASP A 141 9.38 -24.78 12.55
N ASP A 142 9.28 -24.65 13.88
CA ASP A 142 8.20 -23.86 14.45
C ASP A 142 8.39 -22.38 14.16
N LEU A 143 9.64 -21.91 14.19
CA LEU A 143 9.90 -20.52 13.83
C LEU A 143 9.49 -20.27 12.39
N HIS A 144 9.87 -21.19 11.49
CA HIS A 144 9.50 -21.06 10.09
C HIS A 144 7.99 -21.00 9.91
N SER A 145 7.28 -22.01 10.42
CA SER A 145 5.85 -22.10 10.14
C SER A 145 5.06 -21.01 10.84
N ALA A 146 5.51 -20.59 12.03
CA ALA A 146 4.83 -19.49 12.72
C ALA A 146 4.81 -18.23 11.86
N ILE A 147 5.94 -17.91 11.21
CA ILE A 147 6.01 -16.73 10.37
C ILE A 147 5.01 -16.82 9.22
N LEU A 148 4.87 -18.01 8.63
CA LEU A 148 3.99 -18.17 7.50
C LEU A 148 2.54 -17.94 7.87
N LYS A 149 2.17 -18.19 9.13
CA LYS A 149 0.80 -17.92 9.58
C LYS A 149 0.56 -16.44 9.87
N TRP A 150 1.59 -15.61 9.85
CA TRP A 150 1.46 -14.28 10.41
C TRP A 150 0.63 -13.39 9.48
N PRO A 151 -0.18 -12.49 10.04
CA PRO A 151 -0.85 -11.49 9.23
C PRO A 151 0.08 -10.31 8.97
N THR A 152 -0.33 -9.49 8.03
CA THR A 152 0.28 -8.19 7.89
C THR A 152 -0.14 -7.38 9.10
N PRO A 153 0.80 -6.88 9.91
CA PRO A 153 0.40 -6.03 11.04
C PRO A 153 -0.47 -4.87 10.56
N GLU A 154 -1.33 -4.37 11.44
CA GLU A 154 -2.18 -3.26 11.07
C GLU A 154 -1.38 -1.98 10.87
N CYS A 155 -0.29 -1.83 11.62
CA CYS A 155 0.53 -0.63 11.59
C CYS A 155 1.98 -1.04 11.74
N GLU A 156 2.85 -0.06 11.95
CA GLU A 156 4.25 -0.36 12.21
C GLU A 156 4.41 -0.77 13.67
N MET A 157 4.89 -2.01 13.88
CA MET A 157 5.05 -2.56 15.23
C MET A 157 6.35 -2.09 15.86
N VAL A 158 7.42 -2.08 15.06
CA VAL A 158 8.77 -1.89 15.55
C VAL A 158 9.42 -0.85 14.65
N ALA A 159 10.35 -0.10 15.21
CA ALA A 159 11.18 0.83 14.46
C ALA A 159 12.62 0.35 14.48
N TYR A 160 13.31 0.48 13.35
CA TYR A 160 14.71 0.10 13.25
C TYR A 160 15.53 1.30 12.80
N ARG A 161 16.67 1.48 13.45
CA ARG A 161 17.65 2.45 13.01
C ARG A 161 18.68 1.83 12.08
N SER A 162 18.63 0.52 11.89
CA SER A 162 19.56 -0.18 11.02
C SER A 162 19.01 -1.57 10.74
N PHE A 163 19.47 -2.13 9.62
CA PHE A 163 19.16 -3.50 9.25
C PHE A 163 20.32 -4.44 9.50
N ASN A 164 21.50 -3.90 9.83
CA ASN A 164 22.68 -4.72 10.12
C ASN A 164 22.36 -5.92 11.00
N PRO A 165 21.61 -5.79 12.10
CA PRO A 165 21.19 -7.00 12.83
C PRO A 165 20.59 -8.09 11.95
N PHE A 166 19.80 -7.71 10.94
CA PHE A 166 19.16 -8.70 10.10
C PHE A 166 20.11 -9.33 9.10
N PHE A 167 21.21 -8.64 8.76
CA PHE A 167 22.09 -9.13 7.70
C PHE A 167 22.73 -10.48 8.02
N PRO A 168 23.36 -10.69 9.18
CA PRO A 168 23.83 -12.04 9.50
C PRO A 168 22.75 -13.10 9.53
N LEU A 169 21.49 -12.72 9.70
CA LEU A 169 20.43 -13.73 9.66
C LEU A 169 20.19 -14.20 8.23
N LEU A 170 20.37 -13.31 7.25
CA LEU A 170 20.09 -13.68 5.87
C LEU A 170 20.93 -14.86 5.41
N GLY A 171 22.09 -15.08 6.04
CA GLY A 171 22.99 -16.16 5.70
C GLY A 171 22.79 -17.46 6.44
N CYS A 172 21.69 -17.62 7.18
CA CYS A 172 21.42 -18.87 7.88
C CYS A 172 20.65 -19.83 6.98
N PHE A 173 21.29 -20.22 5.87
CA PHE A 173 20.60 -21.01 4.86
C PHE A 173 20.22 -22.38 5.39
N THR A 174 20.98 -22.88 6.37
CA THR A 174 20.69 -24.14 7.04
C THR A 174 19.46 -24.04 7.93
N THR A 175 19.03 -22.81 8.23
CA THR A 175 17.92 -22.55 9.16
C THR A 175 17.03 -21.52 8.48
N PRO A 176 16.17 -21.96 7.56
CA PRO A 176 15.34 -21.00 6.81
C PRO A 176 14.39 -20.17 7.67
N GLY A 177 13.93 -20.69 8.80
CA GLY A 177 13.05 -19.90 9.64
C GLY A 177 13.74 -18.65 10.16
N VAL A 178 15.05 -18.77 10.43
CA VAL A 178 15.84 -17.59 10.80
C VAL A 178 15.86 -16.60 9.66
N GLN A 179 16.21 -17.08 8.46
CA GLN A 179 16.17 -16.23 7.28
C GLN A 179 14.77 -15.72 7.01
N LEU A 180 13.76 -16.57 7.23
CA LEU A 180 12.39 -16.15 7.01
C LEU A 180 12.03 -14.97 7.89
N TRP A 181 12.42 -15.03 9.18
CA TRP A 181 12.12 -13.93 10.07
C TRP A 181 12.76 -12.65 9.60
N ALA A 182 14.04 -12.72 9.22
CA ALA A 182 14.74 -11.54 8.74
C ALA A 182 14.01 -10.91 7.56
N VAL A 183 13.78 -11.71 6.51
CA VAL A 183 13.17 -11.15 5.30
C VAL A 183 11.74 -10.69 5.58
N TRP A 184 11.00 -11.44 6.40
CA TRP A 184 9.66 -10.98 6.75
C TRP A 184 9.73 -9.65 7.48
N ALA A 185 10.71 -9.51 8.37
CA ALA A 185 10.82 -8.28 9.16
C ALA A 185 11.15 -7.08 8.30
N MET A 186 12.03 -7.25 7.31
CA MET A 186 12.31 -6.17 6.37
C MET A 186 11.12 -5.94 5.47
N GLN A 187 10.50 -7.02 4.99
CA GLN A 187 9.28 -6.88 4.21
C GLN A 187 8.24 -6.08 4.97
N HIS A 188 8.17 -6.26 6.29
CA HIS A 188 7.18 -5.54 7.09
C HIS A 188 7.53 -4.06 7.20
N VAL A 189 8.71 -3.73 7.74
CA VAL A 189 9.04 -2.33 8.01
C VAL A 189 9.13 -1.55 6.70
N CYS A 190 9.69 -2.16 5.66
CA CYS A 190 9.73 -1.48 4.37
C CYS A 190 8.32 -1.21 3.86
N SER A 191 7.50 -2.25 3.71
CA SER A 191 6.16 -2.03 3.16
C SER A 191 5.34 -1.10 4.05
N LYS A 192 5.52 -1.17 5.37
CA LYS A 192 4.76 -0.30 6.26
C LYS A 192 5.18 1.16 6.12
N ASN A 193 6.49 1.41 6.04
CA ASN A 193 7.04 2.77 6.01
C ASN A 193 8.22 2.78 5.05
N PRO A 194 7.95 2.70 3.74
CA PRO A 194 9.05 2.65 2.77
C PRO A 194 9.80 3.95 2.63
N SER A 195 9.18 5.06 3.03
CA SER A 195 9.87 6.34 3.07
C SER A 195 10.97 6.34 4.12
N ARG A 196 10.91 5.44 5.10
CA ARG A 196 11.98 5.34 6.10
C ARG A 196 13.07 4.38 5.64
N TYR A 197 12.70 3.13 5.40
CA TYR A 197 13.64 2.02 5.39
C TYR A 197 14.20 1.71 4.03
N CYS A 198 13.43 1.96 2.97
CA CYS A 198 13.80 1.44 1.66
C CYS A 198 15.15 1.95 1.22
N SER A 199 15.36 3.27 1.28
CA SER A 199 16.67 3.84 0.98
C SER A 199 17.75 3.20 1.82
N MET A 200 17.52 3.14 3.14
CA MET A 200 18.52 2.64 4.06
C MET A 200 18.85 1.17 3.81
N LEU A 201 17.82 0.35 3.54
CA LEU A 201 18.05 -1.06 3.25
C LEU A 201 19.04 -1.23 2.09
N ILE A 202 18.91 -0.40 1.05
CA ILE A 202 19.94 -0.36 0.03
C ILE A 202 21.26 0.10 0.64
N GLU A 203 21.27 1.32 1.21
CA GLU A 203 22.49 1.96 1.66
C GLU A 203 23.31 1.14 2.66
N GLU A 204 22.76 0.06 3.22
CA GLU A 204 23.52 -0.82 4.11
C GLU A 204 23.94 -2.12 3.45
N GLY A 205 23.56 -2.35 2.20
CA GLY A 205 23.92 -3.58 1.53
C GLY A 205 22.79 -4.57 1.42
N GLY A 206 21.55 -4.13 1.64
CA GLY A 206 20.43 -5.06 1.58
C GLY A 206 20.26 -5.69 0.23
N LEU A 207 20.41 -4.89 -0.84
CA LEU A 207 20.26 -5.40 -2.20
C LEU A 207 21.04 -6.70 -2.40
N GLN A 208 22.35 -6.65 -2.17
CA GLN A 208 23.18 -7.82 -2.42
C GLN A 208 22.78 -8.98 -1.52
N HIS A 209 22.68 -8.74 -0.20
CA HIS A 209 22.25 -9.79 0.71
C HIS A 209 20.89 -10.34 0.31
N LEU A 210 20.01 -9.48 -0.24
CA LEU A 210 18.75 -9.95 -0.77
C LEU A 210 18.91 -10.60 -2.14
N TYR A 211 19.89 -10.16 -2.93
CA TYR A 211 20.16 -10.84 -4.19
C TYR A 211 20.87 -12.17 -3.97
N ASN A 212 21.72 -12.27 -2.95
CA ASN A 212 22.32 -13.56 -2.65
C ASN A 212 21.31 -14.57 -2.10
N ILE A 213 20.04 -14.20 -1.97
CA ILE A 213 19.00 -15.08 -1.49
C ILE A 213 18.10 -15.53 -2.62
N LYS A 214 17.55 -14.58 -3.38
CA LYS A 214 16.84 -14.86 -4.61
C LYS A 214 17.75 -15.71 -5.52
N ASP A 215 18.85 -15.12 -6.00
CA ASP A 215 19.82 -15.84 -6.82
C ASP A 215 20.77 -16.65 -5.94
N HIS A 216 20.19 -17.57 -5.16
CA HIS A 216 20.96 -18.56 -4.44
C HIS A 216 20.40 -19.92 -4.79
N GLU A 217 21.29 -20.86 -5.13
CA GLU A 217 20.91 -22.20 -5.56
C GLU A 217 19.90 -22.82 -4.59
N HIS A 218 20.34 -23.08 -3.36
CA HIS A 218 19.50 -23.72 -2.36
C HIS A 218 18.98 -22.64 -1.41
N THR A 219 17.69 -22.33 -1.53
CA THR A 219 17.05 -21.37 -0.65
C THR A 219 15.62 -21.81 -0.47
N ASP A 220 15.14 -21.72 0.76
CA ASP A 220 13.76 -22.05 1.07
C ASP A 220 12.82 -21.24 0.16
N PRO A 221 11.79 -21.87 -0.41
CA PRO A 221 10.92 -21.11 -1.32
C PRO A 221 10.28 -19.91 -0.66
N HIS A 222 9.96 -20.00 0.63
CA HIS A 222 9.31 -18.88 1.32
C HIS A 222 10.30 -17.74 1.59
N VAL A 223 11.49 -18.09 2.08
CA VAL A 223 12.54 -17.08 2.29
C VAL A 223 12.80 -16.34 0.99
N GLN A 224 12.93 -17.08 -0.11
CA GLN A 224 13.09 -16.43 -1.41
C GLN A 224 11.84 -15.66 -1.80
N GLN A 225 10.66 -16.24 -1.55
CA GLN A 225 9.43 -15.55 -1.94
C GLN A 225 9.22 -14.24 -1.19
N ILE A 226 9.88 -14.06 -0.05
CA ILE A 226 9.85 -12.75 0.60
C ILE A 226 10.94 -11.85 0.06
N ALA A 227 12.17 -12.36 -0.05
CA ALA A 227 13.24 -11.57 -0.65
C ALA A 227 12.82 -11.04 -2.02
N VAL A 228 12.04 -11.83 -2.78
CA VAL A 228 11.43 -11.30 -4.01
C VAL A 228 10.51 -10.12 -3.69
N ALA A 229 9.61 -10.28 -2.72
CA ALA A 229 8.67 -9.21 -2.40
C ALA A 229 9.38 -7.96 -1.90
N ILE A 230 10.52 -8.11 -1.23
CA ILE A 230 11.24 -6.93 -0.77
C ILE A 230 11.96 -6.25 -1.92
N LEU A 231 12.65 -7.05 -2.74
CA LEU A 231 13.44 -6.50 -3.85
C LEU A 231 12.55 -5.79 -4.86
N ASP A 232 11.29 -6.19 -4.96
CA ASP A 232 10.39 -5.51 -5.88
C ASP A 232 10.14 -4.08 -5.43
N SER A 233 10.03 -3.86 -4.12
CA SER A 233 9.90 -2.51 -3.62
C SER A 233 11.24 -1.80 -3.60
N LEU A 234 12.33 -2.53 -3.32
CA LEU A 234 13.65 -1.93 -3.41
C LEU A 234 13.97 -1.47 -4.83
N GLU A 235 13.81 -2.37 -5.81
CA GLU A 235 14.08 -1.99 -7.20
C GLU A 235 13.12 -0.91 -7.68
N LYS A 236 11.87 -0.92 -7.20
CA LYS A 236 10.97 0.19 -7.44
C LYS A 236 11.44 1.46 -6.73
N HIS A 237 12.13 1.31 -5.59
CA HIS A 237 12.67 2.46 -4.90
C HIS A 237 13.87 3.05 -5.64
N ILE A 238 14.65 2.21 -6.31
CA ILE A 238 15.79 2.70 -7.09
C ILE A 238 15.31 3.46 -8.33
N VAL A 239 14.26 2.95 -8.98
CA VAL A 239 13.68 3.61 -10.15
C VAL A 239 12.19 3.90 -9.92
N SER B 1 33.16 17.41 16.74
CA SER B 1 32.95 16.43 15.65
C SER B 1 31.61 16.68 14.94
N GLU B 2 30.56 17.05 15.66
CA GLU B 2 29.26 17.32 14.99
C GLU B 2 29.33 18.68 14.29
N LEU B 3 30.02 19.63 14.87
CA LEU B 3 30.16 20.94 14.23
C LEU B 3 30.91 20.81 12.92
N PHE B 4 32.06 20.13 12.95
CA PHE B 4 32.83 19.92 11.73
C PHE B 4 31.98 19.27 10.65
N ILE B 5 31.18 18.28 11.03
CA ILE B 5 30.28 17.64 10.10
C ILE B 5 29.35 18.67 9.46
N VAL B 6 28.85 19.62 10.26
CA VAL B 6 27.98 20.66 9.69
C VAL B 6 28.77 21.50 8.70
N ARG B 7 29.87 22.11 9.15
CA ARG B 7 30.76 22.83 8.25
C ARG B 7 31.08 22.00 7.02
N GLN B 8 31.15 20.67 7.17
CA GLN B 8 31.57 19.83 6.07
C GLN B 8 30.41 19.51 5.13
N LEU B 9 29.24 19.24 5.68
CA LEU B 9 28.07 19.06 4.82
C LEU B 9 27.71 20.37 4.12
N LEU B 10 27.87 21.51 4.80
CA LEU B 10 27.69 22.80 4.15
C LEU B 10 28.71 22.96 3.01
N GLN B 11 29.92 22.44 3.21
CA GLN B 11 30.93 22.47 2.16
C GLN B 11 30.50 21.60 0.98
N ILE B 12 30.06 20.37 1.26
CA ILE B 12 29.48 19.55 0.21
C ILE B 12 28.36 20.30 -0.50
N VAL B 13 27.57 21.08 0.25
CA VAL B 13 26.45 21.79 -0.36
C VAL B 13 26.94 22.96 -1.20
N LYS B 14 27.94 23.70 -0.71
CA LYS B 14 28.55 24.74 -1.53
C LYS B 14 29.09 24.16 -2.85
N GLN B 15 29.79 23.03 -2.78
CA GLN B 15 30.28 22.36 -3.97
C GLN B 15 29.13 21.91 -4.86
N LYS B 16 28.22 21.12 -4.30
CA LYS B 16 27.12 20.57 -5.11
C LYS B 16 26.27 21.67 -5.72
N THR B 17 26.19 22.84 -5.09
CA THR B 17 25.48 23.96 -5.71
C THR B 17 26.30 24.58 -6.83
N ASN B 18 27.58 24.89 -6.55
CA ASN B 18 28.48 25.43 -7.55
C ASN B 18 28.50 24.66 -8.87
N GLN B 19 28.72 23.37 -8.78
CA GLN B 19 28.79 22.48 -9.92
C GLN B 19 27.39 22.18 -10.45
N ASN B 20 26.33 22.88 -10.00
CA ASN B 20 24.95 22.60 -10.44
C ASN B 20 24.74 21.08 -10.46
N SER B 21 25.30 20.38 -9.49
CA SER B 21 25.31 18.92 -9.51
C SER B 21 24.19 18.60 -8.55
N VAL B 22 23.03 18.21 -9.09
CA VAL B 22 21.90 17.77 -8.29
C VAL B 22 21.92 16.24 -8.26
N ASP B 23 22.77 15.67 -7.41
CA ASP B 23 22.87 14.23 -7.32
C ASP B 23 22.37 13.75 -5.95
N THR B 24 22.43 12.44 -5.75
CA THR B 24 21.99 11.88 -4.47
C THR B 24 22.86 12.38 -3.32
N THR B 25 24.14 12.64 -3.59
CA THR B 25 25.01 13.18 -2.55
C THR B 25 24.45 14.48 -2.01
N LEU B 26 24.01 15.38 -2.88
CA LEU B 26 23.46 16.65 -2.42
C LEU B 26 22.15 16.43 -1.66
N LYS B 27 21.23 15.65 -2.26
CA LYS B 27 19.96 15.38 -1.59
C LYS B 27 20.18 14.74 -0.23
N PHE B 28 21.15 13.84 -0.12
CA PHE B 28 21.45 13.27 1.18
C PHE B 28 22.11 14.28 2.09
N THR B 29 22.96 15.15 1.54
CA THR B 29 23.65 16.12 2.38
C THR B 29 22.70 17.13 2.97
N LEU B 30 21.80 17.66 2.14
CA LEU B 30 20.73 18.51 2.66
C LEU B 30 19.86 17.74 3.65
N SER B 31 19.62 16.46 3.38
CA SER B 31 18.90 15.62 4.34
C SER B 31 19.64 15.55 5.67
N ALA B 32 20.94 15.24 5.63
CA ALA B 32 21.71 15.11 6.86
C ALA B 32 21.76 16.43 7.61
N LEU B 33 21.86 17.53 6.87
CA LEU B 33 21.90 18.85 7.50
C LEU B 33 20.56 19.18 8.12
N TRP B 34 19.48 18.72 7.50
CA TRP B 34 18.15 18.89 8.06
C TRP B 34 18.03 18.10 9.36
N ASN B 35 18.44 16.83 9.35
CA ASN B 35 18.34 16.06 10.58
C ASN B 35 19.32 16.56 11.63
N LEU B 36 20.49 17.04 11.21
CA LEU B 36 21.45 17.50 12.21
C LEU B 36 20.96 18.74 12.95
N THR B 37 19.87 19.36 12.50
CA THR B 37 19.34 20.54 13.18
C THR B 37 18.00 20.28 13.87
N ASP B 38 17.50 19.04 13.84
CA ASP B 38 16.29 18.71 14.60
C ASP B 38 16.52 18.95 16.07
N GLU B 39 15.56 19.66 16.71
CA GLU B 39 15.58 19.95 18.14
C GLU B 39 16.99 20.19 18.66
N SER B 40 17.79 20.91 17.88
CA SER B 40 19.19 21.15 18.17
C SER B 40 19.51 22.58 17.76
N PRO B 41 19.14 23.56 18.58
CA PRO B 41 19.43 24.95 18.21
C PRO B 41 20.90 25.28 18.09
N THR B 42 21.76 24.61 18.86
CA THR B 42 23.19 24.89 18.74
C THR B 42 23.74 24.51 17.37
N THR B 43 23.16 23.49 16.73
CA THR B 43 23.59 23.13 15.38
C THR B 43 22.96 24.06 14.35
N CYS B 44 21.71 24.47 14.57
CA CYS B 44 21.16 25.57 13.78
C CYS B 44 22.06 26.79 13.85
N ARG B 45 22.71 27.00 14.99
CA ARG B 45 23.62 28.14 15.14
C ARG B 45 24.90 27.93 14.33
N HIS B 46 25.42 26.71 14.29
CA HIS B 46 26.60 26.42 13.48
C HIS B 46 26.28 26.62 12.01
N PHE B 47 25.09 26.18 11.60
CA PHE B 47 24.58 26.53 10.29
C PHE B 47 24.66 28.03 10.03
N ILE B 48 24.12 28.84 10.96
CA ILE B 48 24.12 30.28 10.78
C ILE B 48 25.53 30.85 10.84
N GLU B 49 26.34 30.39 11.80
CA GLU B 49 27.70 30.90 11.93
C GLU B 49 28.60 30.55 10.76
N ASN B 50 28.19 29.60 9.91
CA ASN B 50 28.98 29.18 8.76
C ASN B 50 28.25 29.49 7.46
N GLN B 51 27.55 30.62 7.44
CA GLN B 51 26.95 31.17 6.22
C GLN B 51 25.99 30.22 5.55
N GLY B 52 25.42 29.27 6.31
CA GLY B 52 24.49 28.33 5.72
C GLY B 52 23.20 28.95 5.25
N LEU B 53 22.84 30.12 5.79
CA LEU B 53 21.59 30.75 5.37
C LEU B 53 21.73 31.37 3.99
N GLU B 54 22.81 32.12 3.76
CA GLU B 54 23.11 32.62 2.42
C GLU B 54 23.29 31.46 1.46
N LEU B 55 23.89 30.38 1.94
CA LEU B 55 24.06 29.21 1.08
C LEU B 55 22.71 28.62 0.72
N PHE B 56 21.88 28.34 1.72
CA PHE B 56 20.60 27.69 1.44
C PHE B 56 19.69 28.59 0.60
N MET B 57 19.78 29.91 0.76
CA MET B 57 19.17 30.81 -0.19
C MET B 57 19.67 30.52 -1.60
N ARG B 58 20.99 30.44 -1.76
CA ARG B 58 21.58 30.09 -3.05
C ARG B 58 20.98 28.79 -3.56
N VAL B 59 20.92 27.78 -2.69
CA VAL B 59 20.41 26.47 -3.10
C VAL B 59 18.98 26.60 -3.61
N LEU B 60 18.16 27.44 -2.96
CA LEU B 60 16.79 27.65 -3.41
C LEU B 60 16.74 28.43 -4.72
N GLU B 61 17.68 29.35 -4.91
CA GLU B 61 17.75 30.10 -6.15
C GLU B 61 18.41 29.31 -7.27
N SER B 62 19.19 28.28 -6.94
CA SER B 62 19.93 27.52 -7.94
C SER B 62 19.17 26.31 -8.46
N PHE B 63 18.20 25.79 -7.71
CA PHE B 63 17.46 24.59 -8.09
C PHE B 63 15.96 24.83 -7.99
N PRO B 64 15.44 25.79 -8.74
CA PRO B 64 14.02 26.14 -8.61
C PRO B 64 13.05 25.04 -9.04
N THR B 65 13.57 23.93 -9.54
CA THR B 65 12.74 22.87 -10.07
C THR B 65 12.93 21.54 -9.36
N GLU B 66 14.05 21.34 -8.67
CA GLU B 66 14.27 20.12 -7.92
C GLU B 66 13.57 20.31 -6.58
N SER B 67 12.30 19.90 -6.53
CA SER B 67 11.52 20.06 -5.31
C SER B 67 12.13 19.26 -4.17
N SER B 68 12.71 18.11 -4.47
CA SER B 68 13.45 17.37 -3.46
C SER B 68 14.52 18.25 -2.82
N ILE B 69 15.15 19.11 -3.61
CA ILE B 69 16.15 20.02 -3.07
C ILE B 69 15.47 21.06 -2.18
N GLN B 70 14.31 21.56 -2.61
CA GLN B 70 13.65 22.63 -1.88
C GLN B 70 13.13 22.12 -0.54
N GLN B 71 12.54 20.93 -0.52
CA GLN B 71 12.00 20.40 0.73
C GLN B 71 13.08 20.27 1.79
N LYS B 72 14.25 19.76 1.41
CA LYS B 72 15.30 19.52 2.39
C LYS B 72 15.92 20.82 2.87
N VAL B 73 16.05 21.80 1.96
CA VAL B 73 16.52 23.12 2.36
C VAL B 73 15.51 23.76 3.30
N LEU B 74 14.25 23.77 2.90
CA LEU B 74 13.21 24.35 3.74
C LEU B 74 13.04 23.56 5.03
N GLY B 75 13.27 22.25 4.99
CA GLY B 75 13.20 21.46 6.20
C GLY B 75 14.17 21.93 7.26
N LEU B 76 15.41 22.20 6.87
CA LEU B 76 16.38 22.75 7.82
C LEU B 76 15.94 24.12 8.29
N LEU B 77 15.59 24.99 7.34
CA LEU B 77 15.24 26.37 7.69
C LEU B 77 14.04 26.40 8.64
N ASN B 78 13.11 25.47 8.47
CA ASN B 78 12.02 25.33 9.43
C ASN B 78 12.57 25.09 10.83
N ASN B 79 13.66 24.32 10.93
CA ASN B 79 14.32 24.15 12.22
C ASN B 79 14.90 25.46 12.73
N ILE B 80 15.60 26.19 11.86
CA ILE B 80 16.08 27.52 12.22
C ILE B 80 14.93 28.39 12.72
N ALA B 81 13.84 28.40 11.96
CA ALA B 81 12.67 29.21 12.30
C ALA B 81 12.13 28.90 13.69
N GLU B 82 12.35 27.68 14.18
CA GLU B 82 11.89 27.30 15.50
C GLU B 82 12.82 27.79 16.61
N VAL B 83 14.03 28.22 16.29
CA VAL B 83 14.97 28.72 17.30
C VAL B 83 14.75 30.21 17.41
N GLN B 84 14.16 30.63 18.53
CA GLN B 84 13.73 32.02 18.67
C GLN B 84 14.91 32.98 18.62
N GLU B 85 16.02 32.63 19.27
CA GLU B 85 17.21 33.47 19.20
C GLU B 85 17.75 33.61 17.78
N LEU B 86 17.24 32.82 16.84
CA LEU B 86 17.64 32.89 15.44
C LEU B 86 16.60 33.58 14.56
N HIS B 87 15.52 34.10 15.14
CA HIS B 87 14.56 34.86 14.34
C HIS B 87 15.25 36.03 13.64
N SER B 88 16.24 36.63 14.30
CA SER B 88 16.95 37.77 13.74
C SER B 88 17.64 37.38 12.43
N GLU B 89 18.25 36.20 12.38
CA GLU B 89 18.94 35.77 11.18
C GLU B 89 18.00 35.46 10.03
N LEU B 90 16.73 35.15 10.31
CA LEU B 90 15.77 34.88 9.26
C LEU B 90 15.06 36.13 8.73
N MET B 91 15.23 37.28 9.39
CA MET B 91 14.65 38.53 8.91
C MET B 91 15.53 39.10 7.80
N TRP B 92 15.67 38.30 6.75
CA TRP B 92 16.33 38.67 5.52
C TRP B 92 15.24 38.84 4.47
N LYS B 93 15.20 40.02 3.84
CA LYS B 93 14.12 40.34 2.89
C LYS B 93 14.09 39.33 1.74
N ASP B 94 15.23 39.12 1.08
CA ASP B 94 15.28 38.20 -0.05
C ASP B 94 14.82 36.81 0.35
N PHE B 95 15.37 36.31 1.46
CA PHE B 95 15.01 34.98 1.94
C PHE B 95 13.52 34.86 2.18
N ILE B 96 12.93 35.82 2.89
CA ILE B 96 11.49 35.80 3.15
C ILE B 96 10.70 35.97 1.86
N ASP B 97 11.20 36.80 0.94
CA ASP B 97 10.53 36.93 -0.36
C ASP B 97 10.45 35.57 -1.06
N HIS B 98 11.51 34.76 -0.94
CA HIS B 98 11.51 33.47 -1.61
C HIS B 98 10.60 32.48 -0.89
N ILE B 99 10.70 32.42 0.45
CA ILE B 99 9.82 31.53 1.22
C ILE B 99 8.35 31.86 0.92
N SER B 100 8.03 33.14 0.80
CA SER B 100 6.68 33.52 0.44
C SER B 100 6.28 32.95 -0.91
N SER B 101 7.23 32.88 -1.85
CA SER B 101 6.96 32.21 -3.11
C SER B 101 6.75 30.72 -2.90
N LEU B 102 7.71 30.07 -2.23
CA LEU B 102 7.64 28.64 -1.98
C LEU B 102 6.42 28.26 -1.17
N LEU B 103 5.87 29.19 -0.40
CA LEU B 103 4.62 28.93 0.31
C LEU B 103 3.49 28.59 -0.65
N HIS B 104 3.48 29.25 -1.81
CA HIS B 104 2.42 29.10 -2.79
C HIS B 104 2.69 28.01 -3.81
N SER B 105 3.84 27.35 -3.71
CA SER B 105 4.10 26.21 -4.58
C SER B 105 2.98 25.20 -4.45
N VAL B 106 2.60 24.61 -5.57
CA VAL B 106 1.47 23.67 -5.59
C VAL B 106 1.86 22.32 -5.02
N GLU B 107 3.15 22.14 -4.70
CA GLU B 107 3.71 20.87 -4.25
C GLU B 107 3.81 20.89 -2.73
N VAL B 108 2.88 20.20 -2.06
CA VAL B 108 2.76 20.30 -0.60
C VAL B 108 4.05 19.87 0.10
N GLU B 109 4.82 18.97 -0.52
CA GLU B 109 6.11 18.60 0.04
C GLU B 109 7.00 19.82 0.23
N VAL B 110 6.95 20.77 -0.70
CA VAL B 110 7.81 21.94 -0.59
C VAL B 110 7.12 23.06 0.15
N SER B 111 5.84 23.26 -0.14
CA SER B 111 5.07 24.33 0.49
C SER B 111 5.01 24.16 2.00
N TYR B 112 4.82 22.91 2.47
CA TYR B 112 4.65 22.66 3.90
C TYR B 112 5.74 23.32 4.74
N PHE B 113 6.99 23.25 4.28
CA PHE B 113 8.07 23.77 5.11
C PHE B 113 8.18 25.27 4.99
N ALA B 114 7.80 25.83 3.86
CA ALA B 114 7.73 27.28 3.74
C ALA B 114 6.73 27.85 4.75
N ALA B 115 5.53 27.27 4.79
CA ALA B 115 4.52 27.69 5.77
C ALA B 115 5.07 27.62 7.19
N GLY B 116 5.70 26.49 7.53
CA GLY B 116 6.32 26.37 8.83
C GLY B 116 7.29 27.50 9.13
N ILE B 117 8.19 27.76 8.19
CA ILE B 117 9.11 28.90 8.35
C ILE B 117 8.32 30.17 8.63
N ILE B 118 7.41 30.50 7.71
CA ILE B 118 6.58 31.69 7.82
C ILE B 118 5.85 31.70 9.15
N ALA B 119 5.15 30.61 9.46
CA ALA B 119 4.35 30.55 10.68
C ALA B 119 5.19 30.83 11.92
N HIS B 120 6.35 30.18 12.03
CA HIS B 120 7.20 30.43 13.19
C HIS B 120 7.66 31.88 13.24
N LEU B 121 7.95 32.48 12.08
CA LEU B 121 8.39 33.87 12.07
C LEU B 121 7.24 34.80 12.39
N ILE B 122 6.06 34.49 11.86
CA ILE B 122 4.89 35.31 12.13
C ILE B 122 4.48 35.20 13.60
N SER B 123 4.60 34.00 14.16
CA SER B 123 4.22 33.80 15.56
C SER B 123 4.97 34.74 16.50
N ARG B 124 6.20 35.10 16.16
CA ARG B 124 6.95 35.95 17.09
C ARG B 124 6.38 37.35 17.24
N GLY B 125 5.24 37.64 16.62
CA GLY B 125 4.55 38.90 16.81
C GLY B 125 5.20 40.04 16.03
N GLU B 126 4.37 41.06 15.75
CA GLU B 126 4.76 42.15 14.86
C GLU B 126 6.03 42.88 15.30
N GLN B 127 6.36 42.85 16.59
CA GLN B 127 7.58 43.53 17.05
C GLN B 127 8.82 42.85 16.47
N ALA B 128 8.97 41.54 16.72
CA ALA B 128 10.15 40.79 16.26
C ALA B 128 10.30 40.83 14.75
N TRP B 129 9.20 41.02 14.01
CA TRP B 129 9.25 41.09 12.56
C TRP B 129 9.92 42.40 12.18
N THR B 130 11.18 42.31 11.75
CA THR B 130 11.91 43.49 11.33
C THR B 130 11.87 43.70 9.82
N LEU B 131 11.03 42.99 9.11
CA LEU B 131 10.88 43.21 7.69
C LEU B 131 9.69 44.16 7.46
N SER B 132 9.27 44.28 6.20
CA SER B 132 8.17 45.17 5.86
C SER B 132 6.87 44.63 6.43
N ARG B 133 6.21 45.41 7.29
CA ARG B 133 4.91 45.03 7.80
C ARG B 133 3.95 44.63 6.69
N SER B 134 4.07 45.28 5.53
CA SER B 134 3.22 44.94 4.38
C SER B 134 3.36 43.49 4.01
N GLN B 135 4.60 42.97 4.01
CA GLN B 135 4.83 41.58 3.64
C GLN B 135 4.23 40.63 4.67
N ARG B 136 4.33 40.99 5.96
CA ARG B 136 3.80 40.12 7.01
C ARG B 136 2.31 39.89 6.84
N ASN B 137 1.52 40.96 6.68
CA ASN B 137 0.08 40.75 6.54
C ASN B 137 -0.23 40.04 5.23
N SER B 138 0.57 40.28 4.19
CA SER B 138 0.46 39.49 2.98
C SER B 138 0.59 38.01 3.32
N LEU B 139 1.67 37.67 4.03
CA LEU B 139 1.90 36.28 4.43
C LEU B 139 0.78 35.76 5.31
N LEU B 140 0.23 36.60 6.18
CA LEU B 140 -0.80 36.18 7.13
C LEU B 140 -1.98 35.51 6.45
N ASP B 141 -2.60 36.19 5.48
CA ASP B 141 -3.71 35.59 4.75
C ASP B 141 -3.22 34.60 3.69
N ASP B 142 -2.08 34.88 3.06
CA ASP B 142 -1.50 33.94 2.08
C ASP B 142 -1.27 32.59 2.72
N LEU B 143 -0.63 32.60 3.89
CA LEU B 143 -0.36 31.37 4.62
C LEU B 143 -1.65 30.63 4.89
N HIS B 144 -2.64 31.31 5.47
CA HIS B 144 -3.92 30.68 5.74
C HIS B 144 -4.54 30.13 4.47
N SER B 145 -4.46 30.89 3.37
CA SER B 145 -5.00 30.43 2.10
C SER B 145 -4.33 29.13 1.67
N ALA B 146 -2.99 29.14 1.58
CA ALA B 146 -2.24 28.00 1.07
C ALA B 146 -2.59 26.72 1.82
N ILE B 147 -2.62 26.78 3.16
CA ILE B 147 -2.86 25.59 3.97
C ILE B 147 -4.16 24.91 3.54
N LEU B 148 -5.16 25.70 3.16
CA LEU B 148 -6.42 25.12 2.71
C LEU B 148 -6.33 24.51 1.33
N LYS B 149 -5.36 24.91 0.52
CA LYS B 149 -5.18 24.34 -0.81
C LYS B 149 -4.31 23.10 -0.82
N TRP B 150 -4.02 22.54 0.34
CA TRP B 150 -3.06 21.44 0.35
C TRP B 150 -3.77 20.10 0.21
N PRO B 151 -3.22 19.21 -0.59
CA PRO B 151 -3.68 17.82 -0.60
C PRO B 151 -3.09 17.09 0.59
N THR B 152 -3.66 15.93 0.89
CA THR B 152 -3.03 15.03 1.85
C THR B 152 -1.77 14.48 1.22
N PRO B 153 -0.59 14.74 1.79
CA PRO B 153 0.65 14.27 1.17
C PRO B 153 0.63 12.76 1.00
N GLU B 154 1.17 12.29 -0.13
CA GLU B 154 1.08 10.86 -0.43
C GLU B 154 1.76 10.03 0.65
N CYS B 155 2.94 10.46 1.10
CA CYS B 155 3.59 9.77 2.21
C CYS B 155 3.74 10.72 3.40
N GLU B 156 4.71 10.43 4.26
CA GLU B 156 5.03 11.29 5.40
C GLU B 156 6.17 12.20 4.96
N MET B 157 5.85 13.50 4.74
CA MET B 157 6.86 14.45 4.29
C MET B 157 7.92 14.69 5.34
N VAL B 158 7.56 14.55 6.61
CA VAL B 158 8.35 15.11 7.70
C VAL B 158 8.25 14.17 8.89
N ALA B 159 9.28 14.17 9.72
CA ALA B 159 9.24 13.53 11.02
C ALA B 159 9.59 14.56 12.09
N TYR B 160 8.98 14.43 13.25
CA TYR B 160 9.22 15.34 14.37
C TYR B 160 9.48 14.51 15.60
N ARG B 161 10.57 14.79 16.30
CA ARG B 161 10.80 14.15 17.59
C ARG B 161 9.91 14.69 18.70
N SER B 162 9.27 15.85 18.49
CA SER B 162 8.37 16.42 19.48
C SER B 162 7.44 17.41 18.80
N PHE B 163 6.29 17.65 19.44
CA PHE B 163 5.35 18.66 18.98
C PHE B 163 5.56 20.01 19.66
N ASN B 164 6.59 20.15 20.49
CA ASN B 164 6.82 21.40 21.19
C ASN B 164 6.78 22.63 20.30
N PRO B 165 7.50 22.69 19.18
CA PRO B 165 7.50 23.94 18.37
C PRO B 165 6.13 24.36 17.88
N PHE B 166 5.17 23.44 17.75
CA PHE B 166 3.84 23.80 17.30
C PHE B 166 2.97 24.35 18.42
N PHE B 167 3.29 24.06 19.68
CA PHE B 167 2.43 24.49 20.76
C PHE B 167 2.33 26.00 20.90
N PRO B 168 3.41 26.78 20.83
CA PRO B 168 3.26 28.24 20.73
C PRO B 168 2.36 28.66 19.59
N LEU B 169 2.51 28.03 18.43
CA LEU B 169 1.69 28.40 17.28
C LEU B 169 0.22 28.12 17.52
N LEU B 170 -0.10 27.20 18.45
CA LEU B 170 -1.51 26.91 18.70
C LEU B 170 -2.24 28.11 19.26
N GLY B 171 -1.54 28.99 19.98
CA GLY B 171 -2.18 30.12 20.62
C GLY B 171 -1.96 31.45 19.91
N CYS B 172 -1.67 31.40 18.62
CA CYS B 172 -1.51 32.60 17.80
C CYS B 172 -2.85 32.98 17.16
N PHE B 173 -3.83 33.24 18.02
CA PHE B 173 -5.19 33.50 17.56
C PHE B 173 -5.28 34.74 16.69
N THR B 174 -4.43 35.75 16.95
CA THR B 174 -4.35 36.94 16.10
C THR B 174 -3.95 36.58 14.68
N THR B 175 -3.30 35.44 14.50
CA THR B 175 -2.70 35.05 13.23
C THR B 175 -3.16 33.63 12.96
N PRO B 176 -4.39 33.46 12.47
CA PRO B 176 -4.92 32.09 12.30
C PRO B 176 -4.09 31.21 11.39
N GLY B 177 -3.41 31.79 10.40
CA GLY B 177 -2.54 30.98 9.56
C GLY B 177 -1.49 30.24 10.35
N VAL B 178 -0.88 30.92 11.33
CA VAL B 178 0.08 30.26 12.21
C VAL B 178 -0.57 29.06 12.89
N GLN B 179 -1.75 29.26 13.45
CA GLN B 179 -2.48 28.15 14.07
C GLN B 179 -2.84 27.10 13.03
N LEU B 180 -3.41 27.53 11.90
CA LEU B 180 -3.88 26.59 10.90
C LEU B 180 -2.76 25.68 10.46
N TRP B 181 -1.56 26.23 10.28
CA TRP B 181 -0.44 25.39 9.93
C TRP B 181 -0.10 24.42 11.04
N ALA B 182 -0.04 24.92 12.29
CA ALA B 182 0.23 24.06 13.43
C ALA B 182 -0.70 22.85 13.46
N VAL B 183 -2.01 23.09 13.44
CA VAL B 183 -2.97 21.99 13.47
C VAL B 183 -2.92 21.18 12.18
N TRP B 184 -2.75 21.82 11.01
CA TRP B 184 -2.63 21.04 9.79
C TRP B 184 -1.44 20.10 9.86
N ALA B 185 -0.34 20.55 10.44
CA ALA B 185 0.85 19.72 10.53
C ALA B 185 0.61 18.54 11.46
N MET B 186 0.01 18.80 12.63
CA MET B 186 -0.23 17.74 13.59
C MET B 186 -1.28 16.78 13.10
N GLN B 187 -2.38 17.30 12.55
CA GLN B 187 -3.37 16.43 11.92
C GLN B 187 -2.71 15.54 10.88
N HIS B 188 -1.76 16.10 10.12
CA HIS B 188 -1.08 15.30 9.11
C HIS B 188 -0.26 14.19 9.75
N VAL B 189 0.74 14.56 10.57
CA VAL B 189 1.68 13.56 11.05
C VAL B 189 0.99 12.51 11.91
N CYS B 190 0.00 12.93 12.70
CA CYS B 190 -0.80 11.97 13.47
C CYS B 190 -1.56 11.04 12.54
N SER B 191 -2.39 11.60 11.66
CA SER B 191 -3.22 10.76 10.79
C SER B 191 -2.37 9.84 9.93
N LYS B 192 -1.16 10.25 9.55
CA LYS B 192 -0.27 9.37 8.81
C LYS B 192 0.26 8.25 9.71
N ASN B 193 0.94 8.62 10.80
CA ASN B 193 1.60 7.67 11.68
C ASN B 193 1.03 7.82 13.09
N PRO B 194 -0.21 7.38 13.31
CA PRO B 194 -0.84 7.64 14.61
C PRO B 194 -0.18 6.87 15.74
N SER B 195 0.23 5.63 15.46
CA SER B 195 1.03 4.82 16.38
C SER B 195 2.37 5.44 16.71
N ARG B 196 2.76 6.53 16.05
CA ARG B 196 4.03 7.19 16.29
C ARG B 196 3.85 8.51 17.03
N TYR B 197 2.78 9.26 16.73
CA TYR B 197 2.66 10.63 17.18
C TYR B 197 1.53 10.89 18.16
N CYS B 198 0.48 10.06 18.17
CA CYS B 198 -0.72 10.42 18.90
C CYS B 198 -0.52 10.37 20.41
N SER B 199 0.10 9.29 20.92
CA SER B 199 0.40 9.23 22.34
C SER B 199 1.25 10.41 22.77
N MET B 200 2.21 10.82 21.94
CA MET B 200 3.10 11.90 22.34
C MET B 200 2.40 13.26 22.31
N LEU B 201 1.61 13.51 21.27
CA LEU B 201 0.84 14.75 21.21
C LEU B 201 -0.01 14.92 22.46
N ILE B 202 -0.67 13.85 22.89
CA ILE B 202 -1.43 13.88 24.14
C ILE B 202 -0.51 14.20 25.31
N GLU B 203 0.53 13.39 25.49
CA GLU B 203 1.40 13.56 26.65
C GLU B 203 2.14 14.89 26.66
N GLU B 204 2.36 15.49 25.49
CA GLU B 204 3.06 16.78 25.47
C GLU B 204 2.14 17.94 25.83
N GLY B 205 0.87 17.70 26.08
CA GLY B 205 -0.09 18.76 26.29
C GLY B 205 -0.85 19.15 25.05
N GLY B 206 -0.84 18.31 24.01
CA GLY B 206 -1.56 18.65 22.80
C GLY B 206 -3.05 18.73 23.00
N LEU B 207 -3.59 17.86 23.85
CA LEU B 207 -5.01 17.92 24.20
C LEU B 207 -5.40 19.32 24.64
N GLN B 208 -4.73 19.83 25.68
CA GLN B 208 -5.09 21.12 26.26
C GLN B 208 -5.11 22.22 25.20
N HIS B 209 -4.03 22.37 24.44
CA HIS B 209 -3.95 23.45 23.46
C HIS B 209 -4.99 23.25 22.36
N LEU B 210 -5.22 22.00 21.96
CA LEU B 210 -6.29 21.74 21.00
C LEU B 210 -7.64 22.10 21.59
N TYR B 211 -7.88 21.71 22.84
CA TYR B 211 -9.12 22.11 23.48
C TYR B 211 -9.20 23.61 23.65
N ASN B 212 -8.07 24.25 24.02
CA ASN B 212 -8.01 25.70 24.06
C ASN B 212 -8.49 26.32 22.74
N ILE B 213 -8.06 25.75 21.62
CA ILE B 213 -8.52 26.23 20.32
C ILE B 213 -9.99 25.89 20.13
N LYS B 214 -10.39 24.68 20.51
CA LYS B 214 -11.79 24.28 20.38
C LYS B 214 -12.69 25.13 21.27
N ASP B 215 -12.19 25.60 22.41
CA ASP B 215 -13.00 26.31 23.39
C ASP B 215 -13.02 27.83 23.18
N HIS B 216 -11.91 28.42 22.75
CA HIS B 216 -11.85 29.85 22.49
C HIS B 216 -13.00 30.27 21.58
N GLU B 217 -13.58 31.43 21.88
CA GLU B 217 -14.83 31.84 21.24
C GLU B 217 -14.65 32.03 19.73
N HIS B 218 -13.71 32.89 19.35
CA HIS B 218 -13.64 33.44 18.00
C HIS B 218 -12.55 32.80 17.15
N THR B 219 -12.22 31.54 17.43
CA THR B 219 -11.22 30.81 16.65
C THR B 219 -11.61 30.76 15.18
N ASP B 220 -10.61 30.84 14.30
CA ASP B 220 -10.86 30.74 12.87
C ASP B 220 -11.57 29.43 12.56
N PRO B 221 -12.54 29.43 11.64
CA PRO B 221 -13.30 28.18 11.38
C PRO B 221 -12.45 27.04 10.88
N HIS B 222 -11.42 27.32 10.10
CA HIS B 222 -10.62 26.22 9.54
C HIS B 222 -9.64 25.67 10.57
N VAL B 223 -9.04 26.54 11.38
CA VAL B 223 -8.28 26.08 12.54
C VAL B 223 -9.18 25.26 13.46
N GLN B 224 -10.42 25.71 13.65
CA GLN B 224 -11.39 24.95 14.42
C GLN B 224 -11.62 23.57 13.81
N GLN B 225 -12.00 23.53 12.53
CA GLN B 225 -12.32 22.27 11.88
C GLN B 225 -11.20 21.25 12.08
N ILE B 226 -9.95 21.67 11.84
CA ILE B 226 -8.83 20.76 11.99
C ILE B 226 -8.61 20.42 13.45
N ALA B 227 -8.61 21.42 14.32
CA ALA B 227 -8.45 21.16 15.75
C ALA B 227 -9.49 20.16 16.24
N VAL B 228 -10.73 20.28 15.75
CA VAL B 228 -11.75 19.31 16.13
C VAL B 228 -11.40 17.94 15.56
N ALA B 229 -10.90 17.89 14.32
CA ALA B 229 -10.52 16.62 13.72
C ALA B 229 -9.41 15.93 14.51
N ILE B 230 -8.33 16.67 14.81
CA ILE B 230 -7.26 16.10 15.62
C ILE B 230 -7.81 15.57 16.93
N LEU B 231 -8.59 16.39 17.63
CA LEU B 231 -9.20 15.96 18.88
C LEU B 231 -10.04 14.70 18.67
N ASP B 232 -10.97 14.75 17.72
CA ASP B 232 -11.80 13.59 17.42
C ASP B 232 -10.96 12.36 17.11
N SER B 233 -9.79 12.54 16.47
CA SER B 233 -8.94 11.39 16.19
C SER B 233 -8.37 10.80 17.48
N LEU B 234 -7.80 11.64 18.34
CA LEU B 234 -7.18 11.21 19.59
C LEU B 234 -8.18 10.54 20.53
N SER C 1 -22.42 -47.17 -21.07
CA SER C 1 -21.35 -47.83 -20.27
C SER C 1 -20.49 -46.87 -19.43
N GLU C 2 -19.77 -45.97 -20.08
CA GLU C 2 -18.89 -44.98 -19.46
C GLU C 2 -19.70 -44.00 -18.60
N LEU C 3 -20.76 -43.44 -19.15
CA LEU C 3 -21.58 -42.53 -18.35
C LEU C 3 -22.35 -43.29 -17.28
N PHE C 4 -22.74 -44.53 -17.56
CA PHE C 4 -23.37 -45.36 -16.54
C PHE C 4 -22.42 -45.62 -15.38
N ILE C 5 -21.13 -45.78 -15.68
CA ILE C 5 -20.15 -45.97 -14.61
C ILE C 5 -20.15 -44.77 -13.67
N VAL C 6 -20.13 -43.56 -14.24
CA VAL C 6 -20.18 -42.35 -13.44
C VAL C 6 -21.41 -42.35 -12.54
N ARG C 7 -22.59 -42.57 -13.14
CA ARG C 7 -23.81 -42.81 -12.36
C ARG C 7 -23.55 -43.84 -11.26
N GLN C 8 -22.96 -44.97 -11.60
CA GLN C 8 -22.78 -46.06 -10.63
C GLN C 8 -21.84 -45.66 -9.51
N LEU C 9 -20.65 -45.14 -9.85
CA LEU C 9 -19.75 -44.67 -8.81
C LEU C 9 -20.39 -43.57 -7.98
N LEU C 10 -21.25 -42.77 -8.60
CA LEU C 10 -21.94 -41.72 -7.85
C LEU C 10 -22.96 -42.32 -6.88
N GLN C 11 -23.69 -43.35 -7.30
CA GLN C 11 -24.56 -44.05 -6.36
C GLN C 11 -23.79 -44.81 -5.30
N ILE C 12 -22.46 -44.87 -5.40
CA ILE C 12 -21.65 -45.45 -4.33
C ILE C 12 -21.22 -44.38 -3.33
N VAL C 13 -20.82 -43.21 -3.81
CA VAL C 13 -20.52 -42.09 -2.90
C VAL C 13 -21.77 -41.71 -2.11
N LYS C 14 -22.94 -41.81 -2.73
CA LYS C 14 -24.19 -41.61 -2.00
C LYS C 14 -24.37 -42.65 -0.90
N GLN C 15 -24.10 -43.92 -1.21
CA GLN C 15 -24.19 -44.98 -0.20
C GLN C 15 -23.16 -44.80 0.90
N LYS C 16 -21.88 -44.64 0.51
CA LYS C 16 -20.81 -44.55 1.49
C LYS C 16 -20.99 -43.34 2.42
N THR C 17 -21.62 -42.27 1.93
CA THR C 17 -21.84 -41.08 2.75
C THR C 17 -22.98 -41.28 3.75
N ASN C 18 -24.06 -41.93 3.33
CA ASN C 18 -25.18 -42.29 4.20
C ASN C 18 -24.66 -43.13 5.37
N GLN C 19 -24.15 -44.32 5.07
CA GLN C 19 -23.57 -45.20 6.09
C GLN C 19 -22.31 -44.56 6.71
N ASN C 20 -21.94 -43.39 6.20
CA ASN C 20 -20.84 -42.59 6.77
C ASN C 20 -19.55 -43.40 6.82
N SER C 21 -19.29 -44.16 5.75
CA SER C 21 -18.18 -45.09 5.69
C SER C 21 -17.01 -44.47 4.92
N VAL C 22 -15.84 -44.42 5.57
CA VAL C 22 -14.60 -44.07 4.90
C VAL C 22 -13.91 -45.43 4.80
N ASP C 23 -14.01 -46.06 3.63
CA ASP C 23 -13.30 -47.29 3.36
C ASP C 23 -12.38 -46.95 2.21
N THR C 24 -11.39 -47.83 1.98
CA THR C 24 -10.67 -47.78 0.72
C THR C 24 -11.62 -47.87 -0.46
N THR C 25 -12.74 -48.59 -0.30
CA THR C 25 -13.77 -48.62 -1.34
C THR C 25 -14.22 -47.21 -1.73
N LEU C 26 -14.23 -46.28 -0.77
CA LEU C 26 -14.67 -44.93 -1.06
C LEU C 26 -13.54 -44.08 -1.65
N LYS C 27 -12.34 -44.15 -1.07
CA LYS C 27 -11.21 -43.39 -1.58
C LYS C 27 -10.89 -43.75 -3.04
N PHE C 28 -11.35 -44.90 -3.51
CA PHE C 28 -11.19 -45.26 -4.92
C PHE C 28 -12.37 -44.79 -5.76
N THR C 29 -13.60 -44.92 -5.25
CA THR C 29 -14.76 -44.44 -6.00
C THR C 29 -14.62 -42.97 -6.33
N LEU C 30 -14.27 -42.16 -5.32
CA LEU C 30 -13.95 -40.76 -5.55
C LEU C 30 -12.81 -40.64 -6.55
N SER C 31 -11.75 -41.42 -6.35
CA SER C 31 -10.63 -41.43 -7.28
C SER C 31 -11.08 -41.77 -8.70
N ALA C 32 -12.01 -42.72 -8.84
CA ALA C 32 -12.42 -43.18 -10.17
C ALA C 32 -13.19 -42.11 -10.92
N LEU C 33 -14.15 -41.47 -10.26
CA LEU C 33 -14.91 -40.39 -10.89
C LEU C 33 -13.98 -39.25 -11.29
N TRP C 34 -13.14 -38.82 -10.36
CA TRP C 34 -12.05 -37.87 -10.57
C TRP C 34 -11.36 -38.16 -11.89
N ASN C 35 -10.91 -39.40 -12.07
CA ASN C 35 -10.19 -39.75 -13.29
C ASN C 35 -11.11 -39.75 -14.51
N LEU C 36 -12.36 -40.16 -14.33
CA LEU C 36 -13.32 -40.13 -15.42
C LEU C 36 -13.64 -38.71 -15.87
N THR C 37 -13.36 -37.70 -15.04
CA THR C 37 -13.61 -36.31 -15.40
C THR C 37 -12.38 -35.60 -15.96
N ASP C 38 -11.23 -36.25 -15.98
CA ASP C 38 -10.02 -35.63 -16.51
C ASP C 38 -10.18 -35.37 -18.00
N GLU C 39 -10.13 -34.09 -18.39
CA GLU C 39 -10.17 -33.67 -19.79
C GLU C 39 -11.40 -34.22 -20.51
N SER C 40 -12.51 -34.31 -19.80
CA SER C 40 -13.71 -34.97 -20.31
C SER C 40 -14.93 -34.14 -19.95
N PRO C 41 -15.15 -33.04 -20.68
CA PRO C 41 -16.34 -32.20 -20.38
C PRO C 41 -17.67 -32.93 -20.50
N THR C 42 -17.73 -34.11 -21.09
CA THR C 42 -19.00 -34.83 -21.18
C THR C 42 -19.26 -35.67 -19.94
N THR C 43 -18.20 -36.24 -19.37
CA THR C 43 -18.32 -36.86 -18.05
C THR C 43 -18.64 -35.79 -17.01
N CYS C 44 -17.90 -34.68 -17.04
CA CYS C 44 -18.13 -33.58 -16.12
C CYS C 44 -19.58 -33.09 -16.20
N ARG C 45 -20.16 -33.11 -17.39
CA ARG C 45 -21.57 -32.77 -17.53
C ARG C 45 -22.45 -33.84 -16.89
N HIS C 46 -22.09 -35.11 -17.07
CA HIS C 46 -22.88 -36.19 -16.49
C HIS C 46 -22.82 -36.15 -14.97
N PHE C 47 -21.64 -35.83 -14.43
CA PHE C 47 -21.53 -35.61 -13.00
C PHE C 47 -22.50 -34.53 -12.54
N ILE C 48 -22.71 -33.50 -13.36
CA ILE C 48 -23.68 -32.46 -13.00
C ILE C 48 -25.08 -33.04 -12.98
N GLU C 49 -25.49 -33.66 -14.09
CA GLU C 49 -26.86 -34.10 -14.31
C GLU C 49 -27.31 -35.19 -13.36
N ASN C 50 -26.37 -35.81 -12.64
CA ASN C 50 -26.70 -36.75 -11.57
C ASN C 50 -26.46 -36.15 -10.19
N GLN C 51 -26.65 -34.83 -10.08
CA GLN C 51 -26.55 -34.12 -8.80
C GLN C 51 -25.19 -34.34 -8.14
N GLY C 52 -24.13 -34.13 -8.93
CA GLY C 52 -22.79 -34.37 -8.43
C GLY C 52 -22.28 -33.33 -7.45
N LEU C 53 -22.71 -32.08 -7.58
CA LEU C 53 -22.27 -31.08 -6.61
C LEU C 53 -22.99 -31.27 -5.28
N GLU C 54 -24.30 -31.42 -5.34
CA GLU C 54 -25.09 -31.69 -4.14
C GLU C 54 -24.49 -32.84 -3.37
N LEU C 55 -24.11 -33.91 -4.07
CA LEU C 55 -23.47 -35.04 -3.41
C LEU C 55 -22.09 -34.68 -2.86
N PHE C 56 -21.30 -33.94 -3.65
CA PHE C 56 -19.89 -33.76 -3.32
C PHE C 56 -19.65 -32.77 -2.17
N MET C 57 -20.54 -31.80 -1.98
CA MET C 57 -20.51 -31.04 -0.72
C MET C 57 -20.92 -31.94 0.41
N ARG C 58 -22.03 -32.67 0.21
CA ARG C 58 -22.50 -33.65 1.17
C ARG C 58 -21.40 -34.65 1.50
N VAL C 59 -20.45 -34.87 0.58
CA VAL C 59 -19.21 -35.57 0.91
C VAL C 59 -18.28 -34.64 1.68
N LEU C 60 -18.06 -33.43 1.16
CA LEU C 60 -17.18 -32.47 1.82
C LEU C 60 -17.62 -32.18 3.24
N GLU C 61 -18.93 -32.19 3.49
CA GLU C 61 -19.46 -31.92 4.82
C GLU C 61 -19.33 -33.14 5.73
N SER C 62 -19.77 -34.31 5.25
CA SER C 62 -19.86 -35.49 6.12
C SER C 62 -18.49 -36.06 6.47
N PHE C 63 -17.46 -35.72 5.72
CA PHE C 63 -16.09 -36.18 6.00
C PHE C 63 -15.16 -34.98 5.93
N PRO C 64 -15.31 -34.02 6.85
CA PRO C 64 -14.54 -32.77 6.74
C PRO C 64 -13.14 -32.88 7.28
N THR C 65 -12.84 -33.93 8.05
CA THR C 65 -11.52 -34.16 8.60
C THR C 65 -10.79 -35.28 7.86
N GLU C 66 -11.18 -35.54 6.62
CA GLU C 66 -10.65 -36.64 5.81
C GLU C 66 -9.94 -36.00 4.61
N SER C 67 -8.64 -35.74 4.77
CA SER C 67 -7.90 -34.98 3.77
C SER C 67 -8.00 -35.63 2.40
N SER C 68 -7.81 -36.95 2.33
CA SER C 68 -7.83 -37.63 1.04
C SER C 68 -9.23 -37.56 0.42
N ILE C 69 -10.26 -37.79 1.24
CA ILE C 69 -11.63 -37.70 0.72
C ILE C 69 -11.88 -36.30 0.15
N GLN C 70 -11.55 -35.27 0.93
CA GLN C 70 -11.68 -33.89 0.45
C GLN C 70 -10.86 -33.66 -0.80
N GLN C 71 -9.64 -34.19 -0.83
CA GLN C 71 -8.77 -34.01 -1.99
C GLN C 71 -9.35 -34.70 -3.22
N LYS C 72 -9.78 -35.95 -3.09
CA LYS C 72 -10.44 -36.64 -4.21
C LYS C 72 -11.64 -35.83 -4.70
N VAL C 73 -12.42 -35.31 -3.76
CA VAL C 73 -13.61 -34.55 -4.14
C VAL C 73 -13.21 -33.25 -4.82
N LEU C 74 -12.26 -32.52 -4.21
CA LEU C 74 -11.79 -31.28 -4.81
C LEU C 74 -11.09 -31.53 -6.13
N GLY C 75 -10.43 -32.68 -6.27
CA GLY C 75 -9.75 -32.97 -7.52
C GLY C 75 -10.70 -33.11 -8.70
N LEU C 76 -11.79 -33.86 -8.50
CA LEU C 76 -12.83 -33.95 -9.53
C LEU C 76 -13.47 -32.59 -9.76
N LEU C 77 -13.75 -31.86 -8.67
CA LEU C 77 -14.37 -30.55 -8.81
C LEU C 77 -13.46 -29.57 -9.52
N ASN C 78 -12.14 -29.72 -9.37
CA ASN C 78 -11.21 -28.92 -10.16
C ASN C 78 -11.32 -29.23 -11.64
N ASN C 79 -11.79 -30.43 -12.02
CA ASN C 79 -12.01 -30.73 -13.44
C ASN C 79 -13.30 -30.11 -13.97
N ILE C 80 -14.38 -30.15 -13.18
CA ILE C 80 -15.59 -29.43 -13.56
C ILE C 80 -15.27 -27.98 -13.86
N ALA C 81 -14.54 -27.32 -12.95
CA ALA C 81 -14.15 -25.93 -13.14
C ALA C 81 -13.26 -25.72 -14.36
N GLU C 82 -12.55 -26.75 -14.79
CA GLU C 82 -11.73 -26.62 -16.02
C GLU C 82 -12.64 -26.39 -17.22
N VAL C 83 -13.93 -26.71 -17.12
CA VAL C 83 -14.86 -26.57 -18.27
C VAL C 83 -15.73 -25.32 -18.10
N GLN C 84 -15.71 -24.42 -19.09
CA GLN C 84 -16.46 -23.14 -19.03
C GLN C 84 -17.97 -23.35 -19.05
N GLU C 85 -18.44 -24.35 -19.78
CA GLU C 85 -19.90 -24.55 -19.93
C GLU C 85 -20.53 -24.78 -18.56
N LEU C 86 -19.83 -25.50 -17.69
CA LEU C 86 -20.35 -25.82 -16.34
C LEU C 86 -19.97 -24.71 -15.35
N HIS C 87 -19.34 -23.63 -15.81
CA HIS C 87 -19.01 -22.56 -14.87
C HIS C 87 -20.26 -22.06 -14.15
N SER C 88 -21.38 -21.98 -14.88
CA SER C 88 -22.63 -21.60 -14.25
C SER C 88 -23.04 -22.59 -13.17
N GLU C 89 -22.77 -23.87 -13.39
CA GLU C 89 -23.19 -24.90 -12.44
C GLU C 89 -22.44 -24.84 -11.13
N LEU C 90 -21.25 -24.23 -11.10
CA LEU C 90 -20.50 -24.06 -9.87
C LEU C 90 -20.75 -22.71 -9.20
N MET C 91 -21.53 -21.82 -9.81
CA MET C 91 -21.85 -20.53 -9.21
C MET C 91 -22.93 -20.67 -8.14
N TRP C 92 -22.60 -21.52 -7.17
CA TRP C 92 -23.49 -21.93 -6.09
C TRP C 92 -22.88 -21.39 -4.81
N LYS C 93 -23.65 -20.57 -4.07
CA LYS C 93 -23.15 -20.01 -2.83
C LYS C 93 -22.61 -21.12 -1.92
N ASP C 94 -23.43 -22.14 -1.69
CA ASP C 94 -23.03 -23.25 -0.81
C ASP C 94 -21.75 -23.92 -1.31
N PHE C 95 -21.61 -24.07 -2.63
CA PHE C 95 -20.42 -24.70 -3.18
C PHE C 95 -19.18 -23.86 -2.89
N ILE C 96 -19.25 -22.57 -3.19
CA ILE C 96 -18.07 -21.70 -3.06
C ILE C 96 -17.66 -21.51 -1.62
N ASP C 97 -18.62 -21.50 -0.68
CA ASP C 97 -18.25 -21.39 0.73
C ASP C 97 -17.37 -22.55 1.17
N HIS C 98 -17.63 -23.75 0.64
CA HIS C 98 -16.78 -24.89 0.94
C HIS C 98 -15.39 -24.68 0.36
N ILE C 99 -15.32 -24.28 -0.91
CA ILE C 99 -14.03 -24.13 -1.57
C ILE C 99 -13.24 -22.98 -0.96
N SER C 100 -13.94 -21.90 -0.59
CA SER C 100 -13.27 -20.76 0.02
C SER C 100 -12.67 -21.13 1.36
N SER C 101 -13.29 -22.08 2.06
CA SER C 101 -12.75 -22.53 3.34
C SER C 101 -11.68 -23.59 3.13
N LEU C 102 -11.90 -24.51 2.19
CA LEU C 102 -10.87 -25.49 1.86
C LEU C 102 -9.62 -24.83 1.27
N LEU C 103 -9.73 -23.60 0.79
CA LEU C 103 -8.54 -22.86 0.39
C LEU C 103 -7.60 -22.66 1.57
N HIS C 104 -8.16 -22.45 2.76
CA HIS C 104 -7.38 -22.25 3.97
C HIS C 104 -7.17 -23.55 4.73
N SER C 105 -7.36 -24.69 4.07
CA SER C 105 -7.02 -25.96 4.68
C SER C 105 -5.53 -26.00 4.99
N VAL C 106 -5.15 -26.88 5.92
CA VAL C 106 -3.76 -27.00 6.34
C VAL C 106 -2.96 -27.99 5.49
N GLU C 107 -3.62 -28.84 4.71
CA GLU C 107 -2.94 -29.68 3.74
C GLU C 107 -2.95 -28.95 2.40
N VAL C 108 -1.76 -28.73 1.84
CA VAL C 108 -1.69 -28.28 0.46
C VAL C 108 -2.42 -29.26 -0.45
N GLU C 109 -2.33 -30.55 -0.12
CA GLU C 109 -3.00 -31.61 -0.86
C GLU C 109 -4.50 -31.39 -0.98
N VAL C 110 -5.09 -30.57 -0.11
CA VAL C 110 -6.51 -30.24 -0.17
C VAL C 110 -6.73 -28.83 -0.70
N SER C 111 -6.02 -27.85 -0.13
CA SER C 111 -6.25 -26.46 -0.50
C SER C 111 -5.94 -26.20 -1.98
N TYR C 112 -4.97 -26.93 -2.55
CA TYR C 112 -4.54 -26.68 -3.92
C TYR C 112 -5.66 -26.95 -4.92
N PHE C 113 -6.48 -27.97 -4.68
CA PHE C 113 -7.63 -28.20 -5.53
C PHE C 113 -8.76 -27.24 -5.23
N ALA C 114 -8.88 -26.78 -3.99
CA ALA C 114 -9.76 -25.64 -3.71
C ALA C 114 -9.28 -24.42 -4.47
N ALA C 115 -8.00 -24.11 -4.35
CA ALA C 115 -7.38 -23.07 -5.15
C ALA C 115 -7.68 -23.27 -6.63
N GLY C 116 -7.54 -24.51 -7.12
CA GLY C 116 -7.74 -24.76 -8.53
C GLY C 116 -9.14 -24.39 -8.99
N ILE C 117 -10.15 -24.74 -8.21
CA ILE C 117 -11.50 -24.31 -8.53
C ILE C 117 -11.61 -22.80 -8.46
N ILE C 118 -11.01 -22.19 -7.44
CA ILE C 118 -11.09 -20.75 -7.27
C ILE C 118 -10.42 -20.04 -8.45
N ALA C 119 -9.19 -20.45 -8.77
CA ALA C 119 -8.49 -19.85 -9.90
C ALA C 119 -9.25 -20.04 -11.20
N HIS C 120 -9.72 -21.26 -11.45
CA HIS C 120 -10.42 -21.54 -12.70
C HIS C 120 -11.74 -20.76 -12.77
N LEU C 121 -12.41 -20.58 -11.64
CA LEU C 121 -13.69 -19.86 -11.66
C LEU C 121 -13.49 -18.36 -11.73
N ILE C 122 -12.42 -17.86 -11.11
CA ILE C 122 -12.16 -16.43 -11.16
C ILE C 122 -11.71 -16.01 -12.56
N SER C 123 -10.95 -16.88 -13.23
CA SER C 123 -10.42 -16.56 -14.55
C SER C 123 -11.52 -16.34 -15.58
N ARG C 124 -12.76 -16.72 -15.28
CA ARG C 124 -13.84 -16.51 -16.23
C ARG C 124 -14.25 -15.05 -16.34
N GLY C 125 -13.74 -14.18 -15.48
CA GLY C 125 -14.11 -12.79 -15.50
C GLY C 125 -15.18 -12.46 -14.47
N GLU C 126 -15.29 -11.16 -14.16
CA GLU C 126 -16.24 -10.71 -13.15
C GLU C 126 -17.68 -10.85 -13.65
N GLN C 127 -17.89 -10.78 -14.96
CA GLN C 127 -19.23 -11.00 -15.49
C GLN C 127 -19.67 -12.45 -15.30
N ALA C 128 -18.86 -13.39 -15.79
CA ALA C 128 -19.16 -14.81 -15.63
C ALA C 128 -19.29 -15.20 -14.16
N TRP C 129 -18.70 -14.44 -13.25
CA TRP C 129 -18.90 -14.66 -11.83
C TRP C 129 -20.25 -14.05 -11.46
N THR C 130 -21.22 -14.90 -11.12
CA THR C 130 -22.55 -14.44 -10.74
C THR C 130 -22.75 -14.37 -9.24
N LEU C 131 -21.86 -14.98 -8.45
CA LEU C 131 -21.99 -14.91 -7.00
C LEU C 131 -21.60 -13.52 -6.51
N SER C 132 -21.61 -13.36 -5.18
CA SER C 132 -21.39 -12.04 -4.60
C SER C 132 -19.99 -11.53 -4.95
N ARG C 133 -19.94 -10.39 -5.65
CA ARG C 133 -18.67 -9.86 -6.12
C ARG C 133 -17.69 -9.62 -4.98
N SER C 134 -18.20 -9.34 -3.78
CA SER C 134 -17.31 -9.17 -2.63
C SER C 134 -16.61 -10.48 -2.27
N GLN C 135 -17.31 -11.61 -2.34
CA GLN C 135 -16.68 -12.91 -2.12
C GLN C 135 -15.50 -13.09 -3.07
N ARG C 136 -15.73 -12.92 -4.37
CA ARG C 136 -14.67 -13.10 -5.36
C ARG C 136 -13.48 -12.21 -5.04
N ASN C 137 -13.73 -10.95 -4.68
CA ASN C 137 -12.63 -10.04 -4.41
C ASN C 137 -11.81 -10.50 -3.21
N SER C 138 -12.45 -11.15 -2.24
CA SER C 138 -11.71 -11.73 -1.13
C SER C 138 -10.95 -12.98 -1.57
N LEU C 139 -11.64 -13.89 -2.26
CA LEU C 139 -10.98 -15.07 -2.79
C LEU C 139 -9.83 -14.71 -3.72
N LEU C 140 -9.92 -13.57 -4.41
CA LEU C 140 -8.81 -13.07 -5.22
C LEU C 140 -7.55 -12.93 -4.39
N ASP C 141 -7.67 -12.39 -3.17
CA ASP C 141 -6.54 -12.21 -2.29
C ASP C 141 -6.28 -13.43 -1.41
N ASP C 142 -7.34 -14.13 -0.98
CA ASP C 142 -7.14 -15.38 -0.26
C ASP C 142 -6.36 -16.38 -1.11
N LEU C 143 -6.67 -16.45 -2.40
CA LEU C 143 -5.96 -17.39 -3.28
C LEU C 143 -4.48 -17.03 -3.37
N HIS C 144 -4.18 -15.76 -3.64
CA HIS C 144 -2.80 -15.35 -3.75
C HIS C 144 -2.05 -15.53 -2.44
N SER C 145 -2.73 -15.36 -1.30
CA SER C 145 -2.10 -15.59 0.00
C SER C 145 -1.90 -17.07 0.23
N ALA C 146 -2.89 -17.88 -0.11
CA ALA C 146 -2.82 -19.32 0.12
C ALA C 146 -1.68 -19.96 -0.66
N ILE C 147 -1.59 -19.65 -1.96
CA ILE C 147 -0.53 -20.27 -2.77
C ILE C 147 0.84 -19.95 -2.21
N LEU C 148 1.01 -18.74 -1.65
CA LEU C 148 2.32 -18.35 -1.17
C LEU C 148 2.75 -19.19 0.03
N LYS C 149 1.81 -19.48 0.93
CA LYS C 149 2.13 -20.24 2.14
C LYS C 149 2.29 -21.73 1.89
N TRP C 150 2.08 -22.20 0.67
CA TRP C 150 2.11 -23.63 0.42
C TRP C 150 3.53 -24.16 0.56
N PRO C 151 3.73 -25.27 1.25
CA PRO C 151 5.03 -25.95 1.24
C PRO C 151 5.09 -26.93 0.09
N THR C 152 6.31 -27.28 -0.28
CA THR C 152 6.51 -28.21 -1.40
C THR C 152 6.17 -29.62 -0.93
N PRO C 153 5.07 -30.20 -1.41
CA PRO C 153 4.55 -31.44 -0.82
C PRO C 153 5.55 -32.60 -0.93
N GLU C 154 5.24 -33.66 -0.18
CA GLU C 154 6.14 -34.82 -0.10
C GLU C 154 6.31 -35.46 -1.46
N CYS C 155 5.24 -35.58 -2.23
CA CYS C 155 5.27 -36.26 -3.51
C CYS C 155 4.33 -35.55 -4.47
N GLU C 156 4.37 -35.96 -5.73
CA GLU C 156 3.35 -35.53 -6.67
C GLU C 156 1.99 -35.81 -6.07
N MET C 157 1.15 -34.78 -6.02
CA MET C 157 -0.18 -34.90 -5.45
C MET C 157 -1.26 -34.73 -6.51
N VAL C 158 -0.86 -34.69 -7.77
CA VAL C 158 -1.77 -34.51 -8.89
C VAL C 158 -1.07 -34.97 -10.14
N ALA C 159 -1.84 -35.48 -11.10
CA ALA C 159 -1.32 -35.86 -12.40
C ALA C 159 -2.15 -35.17 -13.46
N TYR C 160 -1.50 -34.65 -14.50
CA TYR C 160 -2.17 -33.89 -15.54
C TYR C 160 -1.89 -34.53 -16.89
N ARG C 161 -2.93 -35.04 -17.54
CA ARG C 161 -2.79 -35.43 -18.94
C ARG C 161 -2.31 -34.27 -19.81
N SER C 162 -2.71 -33.04 -19.49
CA SER C 162 -2.25 -31.89 -20.25
C SER C 162 -2.21 -30.63 -19.38
N PHE C 163 -1.41 -29.67 -19.84
CA PHE C 163 -1.35 -28.35 -19.24
C PHE C 163 -2.31 -27.35 -19.89
N ASN C 164 -3.18 -27.80 -20.78
CA ASN C 164 -4.04 -26.86 -21.51
C ASN C 164 -4.88 -25.98 -20.59
N PRO C 165 -5.58 -26.49 -19.57
CA PRO C 165 -6.38 -25.60 -18.72
C PRO C 165 -5.57 -24.58 -17.94
N PHE C 166 -4.25 -24.59 -18.05
CA PHE C 166 -3.43 -23.62 -17.33
C PHE C 166 -3.12 -22.38 -18.15
N PHE C 167 -3.05 -22.52 -19.48
CA PHE C 167 -2.73 -21.35 -20.32
C PHE C 167 -3.74 -20.24 -20.16
N PRO C 168 -5.05 -20.48 -20.25
CA PRO C 168 -6.00 -19.41 -19.92
C PRO C 168 -5.69 -18.73 -18.59
N LEU C 169 -5.37 -19.51 -17.55
CA LEU C 169 -5.10 -18.91 -16.25
C LEU C 169 -3.82 -18.08 -16.28
N LEU C 170 -2.91 -18.40 -17.19
CA LEU C 170 -1.69 -17.63 -17.36
C LEU C 170 -1.96 -16.22 -17.86
N GLY C 171 -3.09 -16.01 -18.55
CA GLY C 171 -3.36 -14.71 -19.12
C GLY C 171 -3.99 -13.72 -18.16
N CYS C 172 -4.63 -14.21 -17.11
CA CYS C 172 -5.38 -13.32 -16.20
C CYS C 172 -4.15 -12.56 -15.72
N PHE C 173 -4.12 -11.23 -15.90
CA PHE C 173 -3.01 -10.40 -15.36
C PHE C 173 -3.89 -9.61 -14.40
N THR C 174 -5.17 -9.47 -14.76
CA THR C 174 -6.12 -8.74 -13.90
C THR C 174 -6.21 -9.45 -12.56
N THR C 175 -6.19 -10.78 -12.57
CA THR C 175 -6.23 -11.57 -11.32
C THR C 175 -4.88 -12.24 -11.10
N PRO C 176 -3.99 -11.69 -10.27
CA PRO C 176 -2.65 -12.25 -10.13
C PRO C 176 -2.66 -13.54 -9.30
N GLY C 177 -3.63 -13.70 -8.41
CA GLY C 177 -3.73 -14.95 -7.67
C GLY C 177 -4.07 -16.12 -8.57
N VAL C 178 -4.85 -15.87 -9.63
CA VAL C 178 -5.17 -16.93 -10.58
C VAL C 178 -3.90 -17.39 -11.29
N GLN C 179 -3.08 -16.44 -11.75
CA GLN C 179 -1.85 -16.77 -12.44
C GLN C 179 -0.89 -17.50 -11.52
N LEU C 180 -0.84 -17.09 -10.24
CA LEU C 180 0.00 -17.80 -9.28
C LEU C 180 -0.34 -19.28 -9.21
N TRP C 181 -1.63 -19.61 -9.16
CA TRP C 181 -1.97 -21.02 -9.04
C TRP C 181 -1.53 -21.80 -10.27
N ALA C 182 -1.72 -21.21 -11.45
CA ALA C 182 -1.27 -21.88 -12.66
C ALA C 182 0.24 -22.14 -12.61
N VAL C 183 1.04 -21.09 -12.42
CA VAL C 183 2.49 -21.29 -12.45
C VAL C 183 2.96 -22.15 -11.27
N TRP C 184 2.28 -22.06 -10.13
CA TRP C 184 2.67 -22.90 -9.00
C TRP C 184 2.44 -24.37 -9.32
N ALA C 185 1.30 -24.69 -9.95
CA ALA C 185 1.00 -26.07 -10.30
C ALA C 185 2.02 -26.62 -11.29
N MET C 186 2.35 -25.85 -12.33
CA MET C 186 3.32 -26.33 -13.31
C MET C 186 4.69 -26.52 -12.68
N GLN C 187 5.24 -25.45 -12.08
CA GLN C 187 6.52 -25.58 -11.39
C GLN C 187 6.53 -26.81 -10.50
N HIS C 188 5.39 -27.12 -9.88
CA HIS C 188 5.31 -28.28 -9.01
C HIS C 188 5.41 -29.59 -9.80
N VAL C 189 4.56 -29.77 -10.81
CA VAL C 189 4.59 -31.01 -11.56
C VAL C 189 5.81 -31.08 -12.46
N CYS C 190 6.28 -29.93 -12.97
CA CYS C 190 7.53 -29.91 -13.71
C CYS C 190 8.72 -30.25 -12.83
N SER C 191 8.55 -30.18 -11.51
CA SER C 191 9.64 -30.48 -10.57
C SER C 191 9.52 -31.91 -10.06
N LYS C 192 8.31 -32.30 -9.64
CA LYS C 192 8.10 -33.66 -9.08
C LYS C 192 8.39 -34.71 -10.16
N ASN C 193 7.93 -34.49 -11.40
CA ASN C 193 8.28 -35.40 -12.51
C ASN C 193 8.67 -34.57 -13.72
N PRO C 194 9.94 -34.16 -13.87
CA PRO C 194 10.34 -33.42 -15.04
C PRO C 194 10.18 -34.27 -16.31
N SER C 195 10.53 -35.54 -16.25
CA SER C 195 10.46 -36.40 -17.47
C SER C 195 9.03 -36.43 -17.98
N ARG C 196 8.05 -36.45 -17.09
CA ARG C 196 6.66 -36.58 -17.49
C ARG C 196 6.10 -35.26 -18.00
N TYR C 197 6.50 -34.14 -17.38
CA TYR C 197 5.82 -32.87 -17.58
C TYR C 197 6.65 -31.78 -18.23
N CYS C 198 7.96 -31.95 -18.38
CA CYS C 198 8.75 -30.83 -18.89
C CYS C 198 8.68 -30.74 -20.40
N SER C 199 8.94 -31.85 -21.11
CA SER C 199 8.73 -31.87 -22.56
C SER C 199 7.34 -31.43 -22.93
N MET C 200 6.41 -31.50 -21.99
CA MET C 200 5.04 -31.03 -22.20
C MET C 200 4.86 -29.55 -22.44
N LEU C 201 5.10 -28.76 -21.38
CA LEU C 201 4.97 -27.31 -21.38
C LEU C 201 5.59 -26.73 -22.64
N ILE C 202 6.75 -27.28 -23.03
CA ILE C 202 7.41 -26.83 -24.24
C ILE C 202 6.53 -27.07 -25.46
N GLU C 203 6.07 -28.31 -25.65
CA GLU C 203 5.32 -28.65 -26.87
C GLU C 203 3.92 -28.04 -26.87
N GLU C 204 3.34 -27.80 -25.70
CA GLU C 204 2.05 -27.14 -25.59
C GLU C 204 2.12 -25.64 -25.82
N GLY C 205 3.30 -25.10 -26.07
CA GLY C 205 3.43 -23.66 -26.14
C GLY C 205 3.43 -22.98 -24.79
N GLY C 206 3.61 -23.73 -23.70
CA GLY C 206 3.74 -23.11 -22.41
C GLY C 206 4.90 -22.15 -22.33
N LEU C 207 5.97 -22.44 -23.05
CA LEU C 207 7.07 -21.49 -23.17
C LEU C 207 6.56 -20.13 -23.65
N GLN C 208 5.82 -20.13 -24.76
CA GLN C 208 5.27 -18.90 -25.31
C GLN C 208 4.48 -18.13 -24.26
N HIS C 209 3.73 -18.86 -23.42
CA HIS C 209 2.98 -18.21 -22.35
C HIS C 209 3.90 -17.74 -21.23
N LEU C 210 4.70 -18.65 -20.68
CA LEU C 210 5.55 -18.28 -19.55
C LEU C 210 6.52 -17.17 -19.92
N TYR C 211 6.93 -17.11 -21.20
CA TYR C 211 7.66 -15.95 -21.69
C TYR C 211 6.77 -14.71 -21.73
N ASN C 212 5.47 -14.88 -21.96
CA ASN C 212 4.56 -13.74 -21.90
C ASN C 212 4.42 -13.21 -20.48
N ILE C 213 4.59 -14.08 -19.47
CA ILE C 213 4.60 -13.62 -18.09
C ILE C 213 5.92 -12.96 -17.74
N LYS C 214 7.03 -13.58 -18.13
CA LYS C 214 8.37 -13.01 -17.97
C LYS C 214 8.50 -11.59 -18.51
N ASP C 215 8.25 -11.43 -19.81
CA ASP C 215 8.49 -10.17 -20.52
C ASP C 215 7.39 -9.16 -20.24
N HIS C 216 6.30 -9.56 -19.59
CA HIS C 216 5.25 -8.60 -19.28
C HIS C 216 5.76 -7.58 -18.29
N GLU C 217 5.42 -6.31 -18.55
CA GLU C 217 6.01 -5.21 -17.78
C GLU C 217 5.55 -5.22 -16.34
N HIS C 218 4.23 -5.33 -16.11
CA HIS C 218 3.70 -5.26 -14.77
C HIS C 218 3.09 -6.59 -14.33
N THR C 219 3.93 -7.61 -14.23
CA THR C 219 3.52 -8.91 -13.72
C THR C 219 3.77 -8.96 -12.22
N ASP C 220 2.99 -9.80 -11.53
CA ASP C 220 3.20 -10.01 -10.11
C ASP C 220 4.59 -10.60 -9.88
N PRO C 221 5.33 -10.12 -8.87
CA PRO C 221 6.69 -10.66 -8.65
C PRO C 221 6.69 -12.16 -8.36
N HIS C 222 5.73 -12.63 -7.55
CA HIS C 222 5.63 -14.05 -7.27
C HIS C 222 5.30 -14.84 -8.52
N VAL C 223 4.34 -14.34 -9.31
CA VAL C 223 4.03 -14.97 -10.60
C VAL C 223 5.25 -14.91 -11.50
N GLN C 224 5.88 -13.73 -11.57
CA GLN C 224 7.07 -13.56 -12.39
C GLN C 224 8.20 -14.48 -11.94
N GLN C 225 8.42 -14.59 -10.63
CA GLN C 225 9.48 -15.45 -10.11
C GLN C 225 9.25 -16.90 -10.52
N ILE C 226 8.08 -17.44 -10.16
CA ILE C 226 7.76 -18.84 -10.48
C ILE C 226 7.87 -19.07 -11.98
N ALA C 227 7.24 -18.18 -12.77
CA ALA C 227 7.30 -18.30 -14.23
C ALA C 227 8.74 -18.33 -14.71
N VAL C 228 9.53 -17.33 -14.32
CA VAL C 228 10.94 -17.31 -14.74
C VAL C 228 11.68 -18.54 -14.22
N ALA C 229 11.30 -19.05 -13.04
CA ALA C 229 11.92 -20.26 -12.55
C ALA C 229 11.56 -21.46 -13.41
N ILE C 230 10.30 -21.55 -13.85
CA ILE C 230 9.91 -22.67 -14.71
C ILE C 230 10.75 -22.69 -15.97
N LEU C 231 10.78 -21.57 -16.69
CA LEU C 231 11.64 -21.45 -17.87
C LEU C 231 13.06 -21.86 -17.57
N ASP C 232 13.61 -21.42 -16.43
CA ASP C 232 15.01 -21.69 -16.11
C ASP C 232 15.29 -23.18 -15.89
N SER C 233 14.26 -23.99 -15.66
CA SER C 233 14.40 -25.45 -15.73
C SER C 233 13.99 -26.00 -17.09
N LEU C 234 13.09 -25.32 -17.80
CA LEU C 234 12.75 -25.72 -19.17
C LEU C 234 13.83 -25.32 -20.16
N GLU C 235 14.49 -24.17 -19.95
CA GLU C 235 15.63 -23.82 -20.79
C GLU C 235 16.69 -24.93 -20.74
N LYS C 236 16.87 -25.53 -19.56
CA LYS C 236 17.73 -26.70 -19.38
C LYS C 236 17.14 -27.98 -19.95
N HIS C 237 15.97 -27.90 -20.58
CA HIS C 237 15.32 -29.06 -21.19
C HIS C 237 15.39 -29.06 -22.71
N ILE C 238 15.68 -27.90 -23.33
CA ILE C 238 15.88 -27.82 -24.78
C ILE C 238 17.34 -28.01 -25.16
N VAL C 239 18.25 -27.41 -24.39
CA VAL C 239 19.68 -27.51 -24.65
C VAL C 239 20.35 -28.38 -23.58
N SER D 1 -33.04 22.45 -32.89
CA SER D 1 -31.69 22.68 -33.46
C SER D 1 -30.63 22.86 -32.39
N GLU D 2 -30.74 22.16 -31.26
CA GLU D 2 -29.57 22.20 -30.35
C GLU D 2 -28.47 21.41 -31.06
N LEU D 3 -28.85 20.26 -31.64
CA LEU D 3 -27.92 19.39 -32.39
C LEU D 3 -27.33 20.23 -33.51
N PHE D 4 -28.14 21.07 -34.16
CA PHE D 4 -27.54 21.99 -35.11
C PHE D 4 -26.45 22.82 -34.46
N ILE D 5 -26.76 23.48 -33.35
CA ILE D 5 -25.77 24.29 -32.64
C ILE D 5 -24.53 23.47 -32.34
N VAL D 6 -24.71 22.20 -31.97
CA VAL D 6 -23.57 21.30 -31.82
C VAL D 6 -22.82 21.15 -33.13
N ARG D 7 -23.55 20.82 -34.20
CA ARG D 7 -22.94 20.68 -35.52
C ARG D 7 -22.19 21.95 -35.90
N GLN D 8 -22.76 23.10 -35.57
CA GLN D 8 -22.18 24.38 -35.96
C GLN D 8 -20.98 24.74 -35.09
N LEU D 9 -21.06 24.50 -33.78
CA LEU D 9 -19.90 24.70 -32.93
C LEU D 9 -18.77 23.73 -33.28
N LEU D 10 -19.11 22.51 -33.68
CA LEU D 10 -18.07 21.59 -34.14
C LEU D 10 -17.35 22.14 -35.36
N GLN D 11 -18.10 22.70 -36.31
CA GLN D 11 -17.52 23.32 -37.50
C GLN D 11 -16.61 24.49 -37.12
N ILE D 12 -16.99 25.26 -36.10
CA ILE D 12 -16.09 26.27 -35.55
C ILE D 12 -14.79 25.63 -35.08
N VAL D 13 -14.89 24.57 -34.27
CA VAL D 13 -13.70 23.86 -33.82
C VAL D 13 -12.90 23.34 -35.02
N LYS D 14 -13.57 22.97 -36.11
CA LYS D 14 -12.88 22.54 -37.31
C LYS D 14 -12.04 23.70 -37.88
N GLN D 15 -12.63 24.89 -37.99
CA GLN D 15 -11.92 26.00 -38.62
C GLN D 15 -10.71 26.43 -37.82
N LYS D 16 -10.84 26.51 -36.50
CA LYS D 16 -9.72 26.93 -35.66
C LYS D 16 -8.61 25.88 -35.63
N THR D 17 -8.95 24.59 -35.79
CA THR D 17 -7.94 23.55 -35.85
C THR D 17 -7.20 23.57 -37.18
N ASN D 18 -7.92 23.76 -38.30
CA ASN D 18 -7.28 23.91 -39.60
C ASN D 18 -6.34 25.12 -39.60
N GLN D 19 -6.85 26.26 -39.14
CA GLN D 19 -6.02 27.46 -39.06
C GLN D 19 -4.97 27.40 -37.97
N ASN D 20 -4.97 26.35 -37.14
CA ASN D 20 -4.13 26.28 -35.95
C ASN D 20 -4.35 27.46 -35.01
N SER D 21 -5.48 28.14 -35.16
CA SER D 21 -5.78 29.34 -34.37
C SER D 21 -6.35 28.94 -33.02
N VAL D 22 -5.73 29.43 -31.95
CA VAL D 22 -6.24 29.24 -30.59
C VAL D 22 -6.61 30.62 -30.07
N ASP D 23 -7.90 30.91 -30.00
CA ASP D 23 -8.39 32.21 -29.55
C ASP D 23 -9.59 32.00 -28.64
N THR D 24 -10.21 33.10 -28.21
CA THR D 24 -11.37 32.99 -27.33
C THR D 24 -12.52 32.28 -28.02
N THR D 25 -12.71 32.52 -29.32
CA THR D 25 -13.75 31.80 -30.04
C THR D 25 -13.58 30.30 -29.91
N LEU D 26 -12.33 29.83 -29.89
CA LEU D 26 -12.07 28.40 -29.78
C LEU D 26 -12.31 27.90 -28.36
N LYS D 27 -11.78 28.60 -27.37
CA LYS D 27 -12.05 28.24 -25.98
C LYS D 27 -13.54 28.25 -25.69
N PHE D 28 -14.23 29.31 -26.14
CA PHE D 28 -15.65 29.45 -25.86
C PHE D 28 -16.48 28.41 -26.58
N THR D 29 -16.02 27.99 -27.76
CA THR D 29 -16.75 26.96 -28.50
C THR D 29 -16.50 25.59 -27.91
N LEU D 30 -15.23 25.31 -27.56
CA LEU D 30 -14.93 24.11 -26.79
C LEU D 30 -15.70 24.11 -25.47
N SER D 31 -15.76 25.26 -24.79
CA SER D 31 -16.57 25.40 -23.59
C SER D 31 -18.04 25.13 -23.90
N ALA D 32 -18.56 25.78 -24.94
CA ALA D 32 -19.97 25.61 -25.28
C ALA D 32 -20.29 24.16 -25.62
N LEU D 33 -19.35 23.48 -26.27
CA LEU D 33 -19.57 22.09 -26.64
C LEU D 33 -19.53 21.19 -25.41
N TRP D 34 -18.49 21.34 -24.59
CA TRP D 34 -18.41 20.64 -23.32
C TRP D 34 -19.69 20.79 -22.52
N ASN D 35 -20.24 21.99 -22.49
CA ASN D 35 -21.46 22.27 -21.73
C ASN D 35 -22.67 21.56 -22.33
N LEU D 36 -22.86 21.70 -23.64
CA LEU D 36 -24.06 21.16 -24.28
C LEU D 36 -24.16 19.65 -24.10
N THR D 37 -23.03 18.99 -23.89
CA THR D 37 -22.98 17.55 -23.70
C THR D 37 -23.15 17.13 -22.24
N ASP D 38 -23.47 18.07 -21.34
CA ASP D 38 -23.63 17.73 -19.92
C ASP D 38 -24.94 16.99 -19.68
N GLU D 39 -24.82 15.75 -19.20
CA GLU D 39 -25.95 14.90 -18.83
C GLU D 39 -27.00 14.92 -19.94
N SER D 40 -26.51 14.69 -21.16
CA SER D 40 -27.35 14.73 -22.35
C SER D 40 -26.74 13.77 -23.34
N PRO D 41 -26.99 12.47 -23.20
CA PRO D 41 -26.45 11.50 -24.15
C PRO D 41 -26.85 11.76 -25.60
N THR D 42 -27.93 12.51 -25.85
CA THR D 42 -28.27 12.86 -27.23
C THR D 42 -27.28 13.88 -27.81
N THR D 43 -26.96 14.92 -27.04
CA THR D 43 -25.89 15.83 -27.44
C THR D 43 -24.57 15.09 -27.56
N CYS D 44 -24.28 14.20 -26.60
CA CYS D 44 -23.06 13.40 -26.68
C CYS D 44 -23.07 12.51 -27.92
N ARG D 45 -24.21 11.85 -28.19
CA ARG D 45 -24.30 10.95 -29.32
C ARG D 45 -24.10 11.71 -30.63
N HIS D 46 -24.58 12.95 -30.69
CA HIS D 46 -24.43 13.76 -31.89
C HIS D 46 -22.99 14.16 -32.11
N PHE D 47 -22.31 14.59 -31.04
CA PHE D 47 -20.88 14.85 -31.11
C PHE D 47 -20.17 13.72 -31.83
N ILE D 48 -20.42 12.48 -31.39
CA ILE D 48 -19.82 11.32 -32.02
C ILE D 48 -20.23 11.24 -33.50
N GLU D 49 -21.53 11.35 -33.77
CA GLU D 49 -22.01 11.17 -35.14
C GLU D 49 -21.43 12.21 -36.10
N ASN D 50 -21.20 13.43 -35.62
CA ASN D 50 -20.51 14.45 -36.42
C ASN D 50 -19.00 14.39 -36.30
N GLN D 51 -18.44 13.19 -36.11
CA GLN D 51 -16.99 12.97 -36.04
C GLN D 51 -16.31 13.85 -35.00
N GLY D 52 -17.02 14.17 -33.92
CA GLY D 52 -16.44 15.01 -32.90
C GLY D 52 -15.22 14.39 -32.26
N LEU D 53 -15.33 13.09 -31.91
CA LEU D 53 -14.21 12.41 -31.28
C LEU D 53 -12.96 12.50 -32.15
N GLU D 54 -13.12 12.33 -33.47
CA GLU D 54 -11.99 12.44 -34.38
C GLU D 54 -11.50 13.88 -34.48
N LEU D 55 -12.41 14.84 -34.40
CA LEU D 55 -12.00 16.24 -34.43
C LEU D 55 -11.30 16.62 -33.14
N PHE D 56 -11.98 16.42 -32.01
CA PHE D 56 -11.40 16.77 -30.71
C PHE D 56 -10.03 16.12 -30.51
N MET D 57 -9.84 14.90 -31.04
CA MET D 57 -8.52 14.28 -31.01
C MET D 57 -7.52 15.10 -31.82
N ARG D 58 -7.94 15.64 -32.97
CA ARG D 58 -7.07 16.53 -33.73
C ARG D 58 -6.79 17.79 -32.93
N VAL D 59 -7.80 18.31 -32.22
CA VAL D 59 -7.60 19.45 -31.35
C VAL D 59 -6.55 19.14 -30.29
N LEU D 60 -6.59 17.93 -29.75
CA LEU D 60 -5.62 17.51 -28.74
C LEU D 60 -4.21 17.53 -29.30
N GLU D 61 -4.04 17.09 -30.56
CA GLU D 61 -2.73 17.07 -31.19
C GLU D 61 -2.31 18.44 -31.69
N SER D 62 -3.23 19.15 -32.36
CA SER D 62 -2.91 20.45 -32.94
C SER D 62 -2.38 21.42 -31.88
N PHE D 63 -2.96 21.38 -30.68
CA PHE D 63 -2.61 22.30 -29.59
C PHE D 63 -2.23 21.45 -28.38
N PRO D 64 -1.04 20.83 -28.43
CA PRO D 64 -0.66 19.90 -27.36
C PRO D 64 -0.14 20.59 -26.12
N THR D 65 -0.14 21.92 -26.12
CA THR D 65 0.40 22.73 -25.06
C THR D 65 -0.62 23.66 -24.44
N GLU D 66 -1.73 23.92 -25.12
CA GLU D 66 -2.76 24.82 -24.60
C GLU D 66 -3.58 24.02 -23.60
N SER D 67 -3.22 24.14 -22.32
CA SER D 67 -3.91 23.38 -21.28
C SER D 67 -5.39 23.74 -21.23
N SER D 68 -5.70 25.05 -21.27
CA SER D 68 -7.10 25.47 -21.20
C SER D 68 -7.89 25.00 -22.42
N ILE D 69 -7.22 24.76 -23.54
CA ILE D 69 -7.86 24.07 -24.64
C ILE D 69 -8.06 22.60 -24.29
N GLN D 70 -6.99 21.93 -23.85
CA GLN D 70 -7.06 20.51 -23.54
C GLN D 70 -8.17 20.22 -22.55
N GLN D 71 -8.26 21.04 -21.50
CA GLN D 71 -9.27 20.85 -20.46
C GLN D 71 -10.67 20.82 -21.06
N LYS D 72 -11.01 21.84 -21.87
CA LYS D 72 -12.34 21.89 -22.48
C LYS D 72 -12.54 20.78 -23.50
N VAL D 73 -11.47 20.24 -24.07
CA VAL D 73 -11.58 19.07 -24.94
C VAL D 73 -11.83 17.81 -24.14
N LEU D 74 -10.94 17.52 -23.17
CA LEU D 74 -11.16 16.37 -22.29
C LEU D 74 -12.43 16.52 -21.48
N GLY D 75 -12.72 17.74 -21.02
CA GLY D 75 -13.94 17.96 -20.25
C GLY D 75 -15.17 17.48 -20.97
N LEU D 76 -15.23 17.70 -22.28
CA LEU D 76 -16.32 17.15 -23.08
C LEU D 76 -16.26 15.64 -23.10
N LEU D 77 -15.09 15.08 -23.46
CA LEU D 77 -14.95 13.63 -23.57
C LEU D 77 -15.17 12.92 -22.24
N ASN D 78 -15.06 13.64 -21.12
CA ASN D 78 -15.55 13.11 -19.86
C ASN D 78 -17.03 12.78 -19.96
N ASN D 79 -17.81 13.67 -20.58
CA ASN D 79 -19.25 13.41 -20.79
C ASN D 79 -19.47 12.27 -21.77
N ILE D 80 -18.62 12.17 -22.80
CA ILE D 80 -18.74 11.05 -23.72
C ILE D 80 -18.43 9.74 -23.00
N ALA D 81 -17.46 9.76 -22.08
CA ALA D 81 -17.15 8.57 -21.29
C ALA D 81 -18.26 8.21 -20.30
N GLU D 82 -18.95 9.22 -19.75
CA GLU D 82 -20.05 8.93 -18.85
C GLU D 82 -21.24 8.27 -19.53
N VAL D 83 -21.24 8.17 -20.86
CA VAL D 83 -22.38 7.63 -21.59
C VAL D 83 -22.02 6.21 -22.00
N GLN D 84 -22.69 5.23 -21.40
CA GLN D 84 -22.34 3.83 -21.58
C GLN D 84 -22.50 3.40 -23.04
N GLU D 85 -23.59 3.82 -23.69
CA GLU D 85 -23.81 3.41 -25.07
C GLU D 85 -22.72 3.93 -26.01
N LEU D 86 -21.95 4.93 -25.58
CA LEU D 86 -20.85 5.49 -26.37
C LEU D 86 -19.48 5.00 -25.91
N HIS D 87 -19.42 3.86 -25.23
CA HIS D 87 -18.13 3.37 -24.75
C HIS D 87 -17.29 2.85 -25.90
N SER D 88 -17.90 2.05 -26.78
CA SER D 88 -17.20 1.52 -27.95
C SER D 88 -16.62 2.65 -28.79
N GLU D 89 -17.39 3.74 -28.95
CA GLU D 89 -16.96 4.87 -29.75
C GLU D 89 -15.65 5.46 -29.24
N LEU D 90 -15.45 5.45 -27.92
CA LEU D 90 -14.21 5.94 -27.34
C LEU D 90 -13.12 4.88 -27.31
N MET D 91 -13.38 3.67 -27.80
CA MET D 91 -12.35 2.63 -27.79
C MET D 91 -11.52 2.78 -29.05
N TRP D 92 -10.46 3.57 -28.94
CA TRP D 92 -9.64 3.95 -30.08
C TRP D 92 -8.22 4.09 -29.56
N LYS D 93 -7.31 3.29 -30.12
CA LYS D 93 -5.95 3.21 -29.61
C LYS D 93 -5.32 4.60 -29.49
N ASP D 94 -5.42 5.40 -30.56
CA ASP D 94 -4.87 6.75 -30.54
C ASP D 94 -5.46 7.56 -29.39
N PHE D 95 -6.79 7.66 -29.34
CA PHE D 95 -7.44 8.49 -28.33
C PHE D 95 -7.06 8.05 -26.92
N ILE D 96 -6.89 6.74 -26.71
CA ILE D 96 -6.53 6.25 -25.39
C ILE D 96 -5.05 6.47 -25.12
N ASP D 97 -4.19 6.13 -26.09
CA ASP D 97 -2.77 6.45 -25.97
C ASP D 97 -2.57 7.94 -25.75
N HIS D 98 -3.42 8.77 -26.34
CA HIS D 98 -3.26 10.21 -26.20
C HIS D 98 -3.71 10.69 -24.83
N ILE D 99 -4.78 10.11 -24.30
CA ILE D 99 -5.25 10.54 -22.98
C ILE D 99 -4.28 10.09 -21.90
N SER D 100 -3.68 8.91 -22.09
CA SER D 100 -2.64 8.45 -21.18
C SER D 100 -1.50 9.46 -21.09
N SER D 101 -1.17 10.10 -22.22
CA SER D 101 -0.23 11.22 -22.19
C SER D 101 -0.78 12.37 -21.34
N LEU D 102 -2.02 12.76 -21.58
CA LEU D 102 -2.62 13.89 -20.88
C LEU D 102 -2.91 13.58 -19.41
N LEU D 103 -2.97 12.30 -19.04
CA LEU D 103 -3.19 11.95 -17.64
C LEU D 103 -1.99 12.31 -16.78
N HIS D 104 -0.80 11.96 -17.25
CA HIS D 104 0.42 12.33 -16.56
C HIS D 104 0.83 13.80 -16.77
N SER D 105 -0.08 14.61 -17.31
CA SER D 105 0.21 16.03 -17.50
C SER D 105 0.43 16.69 -16.14
N VAL D 106 1.33 17.68 -16.12
CA VAL D 106 1.62 18.40 -14.88
C VAL D 106 0.54 19.42 -14.54
N GLU D 107 -0.47 19.58 -15.40
CA GLU D 107 -1.60 20.46 -15.15
C GLU D 107 -2.75 19.62 -14.61
N VAL D 108 -3.02 19.77 -13.30
CA VAL D 108 -4.10 18.99 -12.66
C VAL D 108 -5.42 19.20 -13.39
N GLU D 109 -5.65 20.42 -13.91
CA GLU D 109 -6.87 20.74 -14.62
C GLU D 109 -6.99 20.03 -15.97
N VAL D 110 -5.93 19.37 -16.44
CA VAL D 110 -6.00 18.54 -17.63
C VAL D 110 -5.95 17.06 -17.29
N SER D 111 -5.05 16.68 -16.37
CA SER D 111 -4.97 15.32 -15.88
C SER D 111 -6.31 14.85 -15.31
N TYR D 112 -7.00 15.73 -14.57
CA TYR D 112 -8.25 15.34 -13.94
C TYR D 112 -9.26 14.82 -14.95
N PHE D 113 -9.51 15.59 -16.01
CA PHE D 113 -10.47 15.15 -17.02
C PHE D 113 -9.95 13.96 -17.80
N ALA D 114 -8.64 13.93 -18.06
CA ALA D 114 -8.02 12.73 -18.63
C ALA D 114 -8.33 11.51 -17.76
N ALA D 115 -8.16 11.66 -16.45
CA ALA D 115 -8.45 10.57 -15.53
C ALA D 115 -9.94 10.23 -15.56
N GLY D 116 -10.80 11.23 -15.65
CA GLY D 116 -12.23 10.98 -15.68
C GLY D 116 -12.65 10.07 -16.84
N ILE D 117 -12.06 10.27 -18.02
CA ILE D 117 -12.34 9.37 -19.11
C ILE D 117 -11.82 7.97 -18.79
N ILE D 118 -10.56 7.90 -18.38
CA ILE D 118 -9.94 6.61 -18.05
C ILE D 118 -10.76 5.91 -16.96
N ALA D 119 -11.11 6.64 -15.91
CA ALA D 119 -11.93 6.07 -14.84
C ALA D 119 -13.23 5.49 -15.41
N HIS D 120 -13.92 6.26 -16.25
CA HIS D 120 -15.19 5.78 -16.79
C HIS D 120 -14.98 4.61 -17.74
N LEU D 121 -13.92 4.65 -18.54
CA LEU D 121 -13.69 3.59 -19.51
C LEU D 121 -13.35 2.27 -18.82
N ILE D 122 -12.50 2.31 -17.78
CA ILE D 122 -12.16 1.09 -17.07
C ILE D 122 -13.35 0.55 -16.29
N SER D 123 -14.19 1.44 -15.74
CA SER D 123 -15.29 1.01 -14.89
C SER D 123 -16.25 0.08 -15.60
N ARG D 124 -16.19 -0.01 -16.91
CA ARG D 124 -17.14 -0.81 -17.67
C ARG D 124 -16.80 -2.29 -17.67
N GLY D 125 -15.63 -2.67 -17.18
CA GLY D 125 -15.21 -4.06 -17.14
C GLY D 125 -14.17 -4.37 -18.20
N GLU D 126 -13.46 -5.48 -17.99
CA GLU D 126 -12.36 -5.88 -18.89
C GLU D 126 -12.85 -6.28 -20.28
N GLN D 127 -14.13 -6.65 -20.42
CA GLN D 127 -14.63 -7.07 -21.72
C GLN D 127 -15.06 -5.89 -22.58
N ALA D 128 -15.51 -4.79 -21.96
CA ALA D 128 -15.82 -3.58 -22.71
C ALA D 128 -14.56 -2.87 -23.19
N TRP D 129 -13.41 -3.13 -22.57
CA TRP D 129 -12.14 -2.59 -23.04
C TRP D 129 -11.70 -3.42 -24.23
N THR D 130 -12.11 -3.01 -25.42
CA THR D 130 -11.77 -3.77 -26.66
C THR D 130 -10.52 -3.19 -27.31
N LEU D 131 -9.51 -2.85 -26.52
CA LEU D 131 -8.23 -2.34 -27.09
C LEU D 131 -7.39 -2.97 -25.99
N SER D 132 -6.12 -2.55 -25.87
CA SER D 132 -4.94 -3.29 -25.35
C SER D 132 -5.12 -3.63 -23.88
N ARG D 133 -5.18 -4.93 -23.56
CA ARG D 133 -5.38 -5.36 -22.16
C ARG D 133 -4.19 -4.89 -21.33
N SER D 134 -2.99 -4.96 -21.91
CA SER D 134 -1.78 -4.55 -21.17
C SER D 134 -1.89 -3.05 -20.87
N GLN D 135 -2.37 -2.26 -21.83
CA GLN D 135 -2.55 -0.80 -21.60
C GLN D 135 -3.60 -0.61 -20.51
N ARG D 136 -4.73 -1.31 -20.59
CA ARG D 136 -5.69 -1.20 -19.49
C ARG D 136 -4.99 -1.36 -18.14
N ASN D 137 -4.20 -2.43 -17.99
CA ASN D 137 -3.42 -2.63 -16.76
C ASN D 137 -2.52 -1.43 -16.48
N SER D 138 -1.77 -0.98 -17.49
CA SER D 138 -0.92 0.19 -17.34
C SER D 138 -1.71 1.39 -16.85
N LEU D 139 -2.90 1.59 -17.42
CA LEU D 139 -3.65 2.81 -17.15
C LEU D 139 -4.28 2.79 -15.76
N LEU D 140 -4.69 1.62 -15.27
CA LEU D 140 -5.32 1.51 -13.95
C LEU D 140 -4.35 1.91 -12.84
N ASP D 141 -3.13 1.36 -12.87
CA ASP D 141 -2.14 1.74 -11.87
C ASP D 141 -1.69 3.18 -12.05
N ASP D 142 -1.54 3.62 -13.31
CA ASP D 142 -1.17 5.01 -13.57
C ASP D 142 -2.28 5.96 -13.13
N LEU D 143 -3.54 5.60 -13.40
CA LEU D 143 -4.67 6.37 -12.87
C LEU D 143 -4.54 6.56 -11.36
N HIS D 144 -4.41 5.45 -10.62
CA HIS D 144 -4.18 5.54 -9.17
C HIS D 144 -2.97 6.42 -8.87
N SER D 145 -1.82 6.12 -9.49
CA SER D 145 -0.61 6.90 -9.25
C SER D 145 -0.85 8.38 -9.54
N ALA D 146 -1.48 8.70 -10.68
CA ALA D 146 -1.62 10.08 -11.08
C ALA D 146 -2.58 10.86 -10.17
N ILE D 147 -3.67 10.22 -9.73
CA ILE D 147 -4.61 10.94 -8.85
C ILE D 147 -3.95 11.32 -7.54
N LEU D 148 -3.02 10.49 -7.06
CA LEU D 148 -2.38 10.74 -5.77
C LEU D 148 -1.45 11.94 -5.82
N LYS D 149 -0.87 12.23 -6.99
CA LYS D 149 0.05 13.35 -7.16
C LYS D 149 -0.65 14.67 -7.46
N TRP D 150 -1.99 14.70 -7.48
CA TRP D 150 -2.71 15.93 -7.81
C TRP D 150 -2.71 16.88 -6.61
N PRO D 151 -2.66 18.18 -6.89
CA PRO D 151 -2.97 19.16 -5.85
C PRO D 151 -4.47 19.42 -5.81
N THR D 152 -4.90 20.40 -5.03
CA THR D 152 -6.26 20.90 -5.16
C THR D 152 -6.21 22.02 -6.19
N PRO D 153 -6.83 21.85 -7.37
CA PRO D 153 -6.81 22.91 -8.38
C PRO D 153 -7.27 24.24 -7.79
N GLU D 154 -6.77 25.34 -8.37
CA GLU D 154 -6.88 26.65 -7.74
C GLU D 154 -8.22 27.33 -8.00
N CYS D 155 -9.26 26.59 -8.36
CA CYS D 155 -10.48 27.20 -8.85
C CYS D 155 -11.60 26.18 -8.80
N GLU D 156 -12.79 26.63 -9.18
CA GLU D 156 -13.89 25.73 -9.50
C GLU D 156 -13.60 25.16 -10.88
N MET D 157 -12.84 24.07 -10.90
CA MET D 157 -12.34 23.53 -12.15
C MET D 157 -13.46 22.97 -13.01
N VAL D 158 -14.41 22.28 -12.39
CA VAL D 158 -15.50 21.63 -13.11
C VAL D 158 -16.75 21.71 -12.26
N ALA D 159 -17.88 21.97 -12.90
CA ALA D 159 -19.18 21.94 -12.25
C ALA D 159 -19.87 20.60 -12.52
N TYR D 160 -20.89 20.30 -11.71
CA TYR D 160 -21.61 19.04 -11.82
C TYR D 160 -23.06 19.28 -11.43
N ARG D 161 -23.98 18.99 -12.35
CA ARG D 161 -25.39 19.02 -12.01
C ARG D 161 -25.81 17.80 -11.21
N SER D 162 -25.00 16.74 -11.21
CA SER D 162 -25.34 15.51 -10.51
C SER D 162 -24.10 14.66 -10.30
N PHE D 163 -24.09 13.93 -9.20
CA PHE D 163 -23.03 12.97 -8.92
C PHE D 163 -23.34 11.58 -9.46
N ASN D 164 -24.59 11.34 -9.90
CA ASN D 164 -25.04 10.07 -10.46
C ASN D 164 -23.99 9.40 -11.35
N PRO D 165 -23.31 10.12 -12.23
CA PRO D 165 -22.18 9.50 -12.96
C PRO D 165 -21.10 8.92 -12.06
N PHE D 166 -20.90 9.47 -10.86
CA PHE D 166 -19.84 8.99 -9.99
C PHE D 166 -20.20 7.72 -9.24
N PHE D 167 -21.50 7.45 -9.08
CA PHE D 167 -21.90 6.29 -8.30
C PHE D 167 -21.47 4.95 -8.87
N PRO D 168 -21.58 4.68 -10.18
CA PRO D 168 -21.04 3.41 -10.69
C PRO D 168 -19.53 3.27 -10.52
N LEU D 169 -18.80 4.38 -10.51
CA LEU D 169 -17.36 4.28 -10.28
C LEU D 169 -17.05 3.98 -8.83
N LEU D 170 -17.93 4.38 -7.90
CA LEU D 170 -17.71 4.07 -6.48
C LEU D 170 -17.60 2.57 -6.26
N GLY D 171 -18.47 1.80 -6.89
CA GLY D 171 -18.47 0.35 -6.72
C GLY D 171 -17.50 -0.36 -7.64
N CYS D 172 -16.34 0.23 -7.88
CA CYS D 172 -15.34 -0.45 -8.68
C CYS D 172 -14.17 -0.89 -7.82
N PHE D 173 -14.46 -1.72 -6.80
CA PHE D 173 -13.41 -2.24 -5.94
C PHE D 173 -12.39 -3.06 -6.73
N THR D 174 -12.85 -3.72 -7.80
CA THR D 174 -11.96 -4.45 -8.69
C THR D 174 -10.88 -3.55 -9.29
N THR D 175 -11.12 -2.24 -9.35
CA THR D 175 -10.22 -1.27 -9.99
C THR D 175 -10.17 -0.17 -8.95
N PRO D 176 -9.02 0.02 -8.28
CA PRO D 176 -9.00 0.92 -7.12
C PRO D 176 -8.83 2.33 -7.64
N GLY D 177 -8.17 2.51 -8.78
CA GLY D 177 -8.02 3.86 -9.33
C GLY D 177 -9.34 4.46 -9.75
N VAL D 178 -10.22 3.66 -10.35
CA VAL D 178 -11.52 4.17 -10.79
C VAL D 178 -12.28 4.77 -9.61
N GLN D 179 -12.32 4.05 -8.49
CA GLN D 179 -12.91 4.59 -7.27
C GLN D 179 -12.17 5.84 -6.83
N LEU D 180 -10.84 5.81 -6.90
CA LEU D 180 -10.03 6.93 -6.44
C LEU D 180 -10.45 8.21 -7.13
N TRP D 181 -10.48 8.20 -8.47
CA TRP D 181 -10.90 9.39 -9.20
C TRP D 181 -12.30 9.82 -8.81
N ALA D 182 -13.20 8.86 -8.62
CA ALA D 182 -14.56 9.18 -8.22
C ALA D 182 -14.60 9.84 -6.85
N VAL D 183 -13.95 9.22 -5.86
CA VAL D 183 -13.98 9.81 -4.52
C VAL D 183 -13.23 11.14 -4.48
N TRP D 184 -12.06 11.19 -5.12
CA TRP D 184 -11.29 12.43 -5.14
C TRP D 184 -12.11 13.56 -5.77
N ALA D 185 -12.73 13.29 -6.92
CA ALA D 185 -13.50 14.30 -7.62
C ALA D 185 -14.61 14.86 -6.74
N MET D 186 -15.32 13.99 -6.02
CA MET D 186 -16.32 14.46 -5.08
C MET D 186 -15.70 15.36 -4.02
N GLN D 187 -14.58 14.95 -3.45
CA GLN D 187 -13.95 15.80 -2.44
C GLN D 187 -13.55 17.15 -3.02
N HIS D 188 -13.00 17.15 -4.25
CA HIS D 188 -12.55 18.40 -4.87
C HIS D 188 -13.70 19.37 -5.08
N VAL D 189 -14.88 18.85 -5.41
CA VAL D 189 -16.04 19.73 -5.48
C VAL D 189 -16.62 19.99 -4.09
N CYS D 190 -16.73 18.97 -3.25
CA CYS D 190 -17.28 19.14 -1.92
C CYS D 190 -16.43 20.04 -1.04
N SER D 191 -15.13 20.12 -1.36
CA SER D 191 -14.19 20.96 -0.60
C SER D 191 -14.26 22.40 -1.14
N LYS D 192 -14.07 22.56 -2.45
CA LYS D 192 -14.10 23.90 -3.10
C LYS D 192 -15.48 24.53 -2.95
N ASN D 193 -16.54 23.75 -3.16
CA ASN D 193 -17.92 24.31 -3.09
C ASN D 193 -18.78 23.44 -2.18
N PRO D 194 -18.58 23.48 -0.86
CA PRO D 194 -19.38 22.71 0.09
C PRO D 194 -20.83 23.18 0.08
N SER D 195 -21.01 24.48 -0.08
CA SER D 195 -22.36 25.07 -0.02
C SER D 195 -23.29 24.42 -1.06
N ARG D 196 -22.82 24.17 -2.28
CA ARG D 196 -23.78 23.63 -3.28
C ARG D 196 -23.55 22.16 -3.66
N TYR D 197 -22.51 21.50 -3.17
CA TYR D 197 -22.32 20.12 -3.69
C TYR D 197 -22.60 19.03 -2.65
N CYS D 198 -22.37 19.31 -1.37
CA CYS D 198 -22.57 18.24 -0.36
C CYS D 198 -24.03 17.81 -0.31
N SER D 199 -24.96 18.75 -0.40
CA SER D 199 -26.40 18.39 -0.26
C SER D 199 -26.89 17.53 -1.41
N MET D 200 -26.05 17.18 -2.38
CA MET D 200 -26.56 16.33 -3.45
C MET D 200 -26.22 14.87 -3.21
N LEU D 201 -24.94 14.60 -2.96
CA LEU D 201 -24.53 13.30 -2.47
C LEU D 201 -25.49 12.82 -1.40
N ILE D 202 -25.62 13.60 -0.31
CA ILE D 202 -26.44 13.19 0.82
C ILE D 202 -27.89 12.95 0.44
N GLU D 203 -28.34 13.45 -0.70
CA GLU D 203 -29.71 13.23 -1.15
C GLU D 203 -29.84 12.40 -2.42
N GLU D 204 -28.73 12.06 -3.08
CA GLU D 204 -28.75 11.17 -4.23
C GLU D 204 -28.29 9.76 -3.90
N GLY D 205 -28.04 9.48 -2.62
CA GLY D 205 -27.39 8.25 -2.23
C GLY D 205 -25.90 8.38 -2.05
N GLY D 206 -25.38 9.61 -1.87
CA GLY D 206 -23.95 9.79 -1.74
C GLY D 206 -23.38 9.25 -0.44
N LEU D 207 -24.18 9.23 0.62
CA LEU D 207 -23.72 8.64 1.87
C LEU D 207 -23.48 7.14 1.68
N GLN D 208 -24.57 6.40 1.49
CA GLN D 208 -24.50 4.93 1.47
C GLN D 208 -23.47 4.42 0.48
N HIS D 209 -23.44 4.98 -0.74
CA HIS D 209 -22.46 4.55 -1.72
C HIS D 209 -21.03 4.71 -1.19
N LEU D 210 -20.77 5.80 -0.47
CA LEU D 210 -19.47 5.99 0.14
C LEU D 210 -19.30 5.14 1.39
N TYR D 211 -20.39 5.01 2.18
CA TYR D 211 -20.39 4.05 3.28
C TYR D 211 -20.12 2.64 2.77
N ASN D 212 -20.66 2.28 1.61
CA ASN D 212 -20.34 1.01 0.98
C ASN D 212 -18.83 0.84 0.83
N ILE D 213 -18.11 1.92 0.56
CA ILE D 213 -16.66 1.85 0.47
C ILE D 213 -16.03 1.82 1.86
N LYS D 214 -16.49 2.68 2.77
CA LYS D 214 -15.93 2.74 4.11
C LYS D 214 -16.11 1.41 4.84
N ASP D 215 -17.35 0.92 4.91
CA ASP D 215 -17.66 -0.35 5.58
C ASP D 215 -17.44 -1.44 4.54
N HIS D 216 -16.19 -1.73 4.18
CA HIS D 216 -15.90 -2.66 3.10
C HIS D 216 -14.48 -3.15 3.35
N GLU D 217 -14.35 -4.46 3.54
CA GLU D 217 -13.04 -5.07 3.68
C GLU D 217 -12.35 -5.11 2.32
N HIS D 218 -11.02 -5.01 2.35
CA HIS D 218 -10.18 -5.07 1.15
C HIS D 218 -10.53 -3.97 0.14
N THR D 219 -11.01 -2.82 0.61
CA THR D 219 -11.05 -1.63 -0.22
C THR D 219 -9.65 -1.01 -0.27
N ASP D 220 -9.44 -0.13 -1.23
CA ASP D 220 -8.14 0.49 -1.35
C ASP D 220 -7.94 1.49 -0.22
N PRO D 221 -6.70 1.62 0.29
CA PRO D 221 -6.42 2.62 1.33
C PRO D 221 -6.76 4.04 0.92
N HIS D 222 -6.20 4.50 -0.20
CA HIS D 222 -6.41 5.88 -0.62
C HIS D 222 -7.87 6.15 -0.99
N VAL D 223 -8.54 5.17 -1.60
CA VAL D 223 -9.97 5.28 -1.84
C VAL D 223 -10.72 5.39 -0.52
N GLN D 224 -10.31 4.59 0.48
CA GLN D 224 -10.92 4.68 1.79
C GLN D 224 -10.68 6.06 2.41
N GLN D 225 -9.45 6.57 2.30
CA GLN D 225 -9.09 7.77 3.04
C GLN D 225 -9.87 8.99 2.57
N ILE D 226 -10.08 9.11 1.26
CA ILE D 226 -10.93 10.19 0.76
C ILE D 226 -12.40 9.90 1.09
N ALA D 227 -12.84 8.66 0.87
CA ALA D 227 -14.23 8.30 1.14
C ALA D 227 -14.64 8.72 2.56
N VAL D 228 -13.84 8.32 3.56
CA VAL D 228 -14.14 8.71 4.93
C VAL D 228 -14.00 10.22 5.11
N ALA D 229 -13.09 10.86 4.38
CA ALA D 229 -12.94 12.30 4.47
C ALA D 229 -14.19 13.01 3.97
N ILE D 230 -14.75 12.53 2.85
CA ILE D 230 -16.03 13.06 2.39
C ILE D 230 -17.11 12.82 3.42
N LEU D 231 -17.28 11.57 3.86
CA LEU D 231 -18.28 11.24 4.87
C LEU D 231 -18.16 12.12 6.10
N ASP D 232 -16.94 12.51 6.46
CA ASP D 232 -16.74 13.38 7.62
C ASP D 232 -17.28 14.78 7.35
N SER D 233 -16.96 15.33 6.17
CA SER D 233 -17.55 16.61 5.80
C SER D 233 -19.02 16.47 5.43
N LEU D 234 -19.42 15.28 4.96
CA LEU D 234 -20.83 15.08 4.61
C LEU D 234 -21.71 14.99 5.85
N GLU D 235 -21.26 14.28 6.88
CA GLU D 235 -22.06 14.15 8.09
C GLU D 235 -22.11 15.44 8.89
N LYS D 236 -21.13 16.34 8.72
CA LYS D 236 -21.25 17.67 9.30
C LYS D 236 -22.24 18.55 8.54
N HIS D 237 -22.64 18.13 7.33
CA HIS D 237 -23.76 18.73 6.63
C HIS D 237 -25.10 18.21 7.15
N ILE D 238 -25.11 17.04 7.78
CA ILE D 238 -26.30 16.50 8.42
C ILE D 238 -26.47 17.02 9.84
N VAL D 239 -25.38 17.08 10.61
CA VAL D 239 -25.43 17.59 11.99
C VAL D 239 -25.39 19.12 12.03
N GLY E 1 -6.98 -33.23 -14.51
CA GLY E 1 -6.47 -33.69 -13.21
C GLY E 1 -6.83 -35.14 -13.01
N TYR E 2 -5.84 -35.98 -12.72
CA TYR E 2 -6.03 -37.43 -12.50
C TYR E 2 -5.33 -37.77 -11.17
N ILE E 3 -5.75 -38.84 -10.50
CA ILE E 3 -5.17 -39.20 -9.18
C ILE E 3 -3.75 -39.73 -9.31
N ASN E 4 -3.01 -39.63 -8.20
CA ASN E 4 -1.68 -40.25 -8.02
C ASN E 4 -1.88 -41.77 -8.03
N VAL E 5 -2.97 -42.26 -7.42
CA VAL E 5 -3.31 -43.70 -7.34
C VAL E 5 -3.50 -44.24 -8.76
N PHE E 6 -3.22 -45.52 -8.98
CA PHE E 6 -3.12 -46.06 -10.36
C PHE E 6 -4.46 -46.27 -11.01
N ALA E 7 -5.12 -45.19 -11.46
CA ALA E 7 -6.30 -45.16 -12.37
C ALA E 7 -7.61 -45.81 -11.91
N GLY F 1 13.50 -3.34 17.44
CA GLY F 1 14.62 -2.44 17.65
C GLY F 1 14.24 -1.29 18.55
N TYR F 2 13.43 -0.41 17.99
CA TYR F 2 12.90 0.82 18.62
C TYR F 2 11.38 0.65 18.70
N ILE F 3 10.73 1.40 19.59
CA ILE F 3 9.24 1.33 19.64
C ILE F 3 8.75 2.45 18.74
N ASN F 4 7.73 2.21 17.91
CA ASN F 4 7.21 3.29 17.04
C ASN F 4 6.62 4.40 17.92
N VAL F 5 5.96 4.05 19.02
CA VAL F 5 5.33 5.03 19.95
C VAL F 5 6.41 5.96 20.48
N PHE F 6 6.17 7.26 20.42
CA PHE F 6 7.11 8.30 20.91
C PHE F 6 6.85 8.57 22.39
N ALA F 7 7.64 9.49 22.96
CA ALA F 7 7.67 10.01 24.36
C ALA F 7 8.56 9.22 25.31
N GLY G 1 10.99 19.12 10.71
CA GLY G 1 11.69 18.60 11.90
C GLY G 1 12.71 17.55 11.55
N TYR G 2 12.31 16.47 10.89
CA TYR G 2 13.21 15.33 10.57
C TYR G 2 12.90 14.82 9.17
N ILE G 3 13.87 14.31 8.44
CA ILE G 3 13.56 13.69 7.14
C ILE G 3 12.83 12.39 7.47
N ASN G 4 11.77 12.03 6.76
CA ASN G 4 11.20 10.69 7.04
C ASN G 4 12.24 9.65 6.58
N VAL G 5 12.89 9.89 5.43
CA VAL G 5 13.94 9.01 4.88
C VAL G 5 15.09 8.96 5.87
N PHE G 6 15.58 7.77 6.19
CA PHE G 6 16.66 7.63 7.19
C PHE G 6 17.87 6.98 6.54
N ALA G 7 19.06 7.32 7.04
CA ALA G 7 20.43 6.93 6.64
C ALA G 7 21.36 7.93 7.31
N GLY H 1 -17.98 17.23 -17.04
CA GLY H 1 -19.39 17.44 -16.76
C GLY H 1 -19.93 18.75 -17.26
N TYR H 2 -19.65 19.80 -16.47
CA TYR H 2 -20.15 21.16 -16.68
C TYR H 2 -18.95 22.10 -16.71
N ILE H 3 -19.18 23.37 -17.01
CA ILE H 3 -18.02 24.29 -17.04
C ILE H 3 -18.26 25.35 -15.99
N ASN H 4 -17.25 25.65 -15.16
CA ASN H 4 -17.46 26.73 -14.15
C ASN H 4 -16.99 28.08 -14.68
N VAL H 5 -17.55 28.50 -15.82
CA VAL H 5 -17.38 29.81 -16.51
C VAL H 5 -18.72 30.02 -17.22
N PHE H 6 -19.25 31.23 -17.31
CA PHE H 6 -20.66 31.28 -17.74
C PHE H 6 -20.86 32.12 -19.01
N ALA H 7 -21.45 31.49 -20.04
CA ALA H 7 -21.79 32.05 -21.38
C ALA H 7 -22.50 30.98 -22.21
#